data_8BCY
#
_entry.id   8BCY
#
_cell.length_a   90.603
_cell.length_b   108.809
_cell.length_c   142.623
_cell.angle_alpha   90.000
_cell.angle_beta   90.000
_cell.angle_gamma   90.000
#
_symmetry.space_group_name_H-M   'P 21 21 21'
#
loop_
_entity.id
_entity.type
_entity.pdbx_description
1 polymer 'Phosphatidylinositol 4,5-bisphosphate 3-kinase catalytic subunit delta isoform'
2 polymer 'Phosphatidylinositol 3-kinase regulatory subunit alpha'
3 non-polymer 9-[2-(3,4-dichlorophenyl)ethyl]-2-(3-hydroxyphenyl)-8-oxidanylidene-7~{H}-purine-6-carboxamide
4 water water
#
loop_
_entity_poly.entity_id
_entity_poly.type
_entity_poly.pdbx_seq_one_letter_code
_entity_poly.pdbx_strand_id
1 'polypeptide(L)'
;NQSVVVDFLLPTGVYLNFPVSRNANLSTIKQLLWHRAQYEPLFHMLSGPEAYVFTCINQTAEQQELEDEQRRLCDVQPFL
PVLRLVAREGDRVKKLINSQISLLIGKGLHEFDSLCDPEVNDFRAKMCQFCEEAAARRQQLGWEAWLQYSFPLQLEPSAQ
TWGPGTLRLPNRALLVNVKFEGSEESFTFQVSTKDVPLALMACALRKKATVFRQPLVEQPEDYTLQVNGRHEYLYGSYPL
CQFQYICSCLHSGLTPHLTMVHSSSILAMRDEQSNPAPQVQKPRAKPPPIPAKKPSSVSLWSLEQPFRIELIQGSKVNAD
ERMKLVVQAGLFHGNEMLCKTVSSSEVSVCSEPVWKQRLEFDINICDLPRMARLCFALYAVIEKAKKARSTKKKSKKADC
PIAWANLMLFDYKDQLKTGERCLYMWPSVPDEKGELLNPTGTVRSNPNTDSAAALLICLPEVAPHPVYYPALEKILELGR
HSECVHVTEEEQLQLREILERRGSGELYEHEKDLVWKLRHEVQEHFPEALARLLLVTKWNKHEDVAQMLYLLCSWPELPV
LSALELLDFSFPDCHVGSFAIKSLRKLTDDELFQYLLQLVQVLKYESYLDCELTKFLLDRALANRKIGHFLFWHLRSEMH
VPSVALRFGLILEAYCRGSTHHMKVLMKQGEALSKLKALNDFVKLSSQKTPKPQTKELMHLCMRQEAYLEALSHLQSPLD
PSTLLAEVCVEQCTFMDSKMKPLWIMYSNEEAGSGGSVGIIFKNGDDLRQDMLTLQMIQLMDVLWKQEGLDLRMTPYGCL
PTGDRTGLIEVVLRSDTIANIQLNKSNMAATAAFNKDALLNWLKSKNPGEALDRAIEEFTLSCAGYCVATYVLGIGDRHS
DNIMIRESGQLFHIDFGHFLGNFKTKFGINRERVPFILTYDFVHVIQQGKTNNSEKFERFRGYCERAYTILRRHGLLFLH
LFALMRAAGLPELSCSKDIQYLKDSLALGKTEEEALKHFRVKFNEALRESWKTKVNWL
;
A
2 'polypeptide(L)'
;YQQDQVVKEDNIEAVGKKLHEYNTQFQEKSREYDRLYEDYTRTSQEIQMKRTAIEAFNETIKIFEEQCQTQERYSKEYIE
KFKREGNETEIQRIMHNYEKLKSRISEIVDSRRRLEEDLKKQAAEYREIDKRMNSIKPDLIQLRKTRDQYLMWLTQKGVR
QKKLNEWLG
;
B
#
# COMPACT_ATOMS: atom_id res chain seq x y z
N ASN A 1 27.77 -18.76 -11.09
CA ASN A 1 28.51 -20.04 -10.80
C ASN A 1 28.67 -20.26 -9.29
N GLN A 2 29.62 -21.10 -8.86
CA GLN A 2 29.82 -21.38 -7.43
C GLN A 2 30.68 -20.26 -6.84
N SER A 3 31.95 -20.22 -7.24
CA SER A 3 32.94 -19.28 -6.68
C SER A 3 32.75 -17.86 -7.20
N VAL A 4 33.27 -16.91 -6.42
CA VAL A 4 33.32 -15.50 -6.78
C VAL A 4 34.59 -14.87 -6.19
N VAL A 5 35.30 -14.09 -7.03
CA VAL A 5 36.52 -13.40 -6.62
C VAL A 5 36.16 -12.19 -5.78
N VAL A 6 36.68 -12.16 -4.55
CA VAL A 6 36.39 -11.11 -3.56
C VAL A 6 37.65 -10.29 -3.25
N ASP A 7 37.53 -8.97 -3.38
CA ASP A 7 38.57 -8.01 -2.95
C ASP A 7 38.50 -7.81 -1.45
N PHE A 8 39.65 -7.91 -0.78
CA PHE A 8 39.76 -7.67 0.66
C PHE A 8 40.71 -6.51 0.94
N LEU A 9 40.21 -5.52 1.67
CA LEU A 9 40.98 -4.33 2.04
C LEU A 9 41.31 -4.44 3.52
N LEU A 10 42.59 -4.62 3.85
CA LEU A 10 43.00 -4.77 5.24
C LEU A 10 43.29 -3.39 5.83
N PRO A 11 43.21 -3.24 7.17
CA PRO A 11 43.37 -1.92 7.80
C PRO A 11 44.81 -1.36 7.79
N THR A 12 45.77 -2.20 7.44
CA THR A 12 47.13 -1.76 7.17
C THR A 12 47.34 -1.16 5.78
N GLY A 13 46.33 -1.21 4.92
CA GLY A 13 46.45 -0.76 3.53
C GLY A 13 46.64 -1.89 2.52
N VAL A 14 46.96 -3.08 3.00
CA VAL A 14 47.19 -4.23 2.15
C VAL A 14 45.85 -4.66 1.50
N TYR A 15 45.96 -5.15 0.28
CA TYR A 15 44.86 -5.57 -0.57
C TYR A 15 45.04 -7.02 -1.01
N LEU A 16 44.00 -7.84 -0.79
CA LEU A 16 43.99 -9.25 -1.19
C LEU A 16 42.81 -9.53 -2.10
N ASN A 17 43.00 -10.49 -3.00
CA ASN A 17 42.05 -10.83 -4.02
C ASN A 17 42.05 -12.35 -4.17
N PHE A 18 40.96 -13.02 -3.82
CA PHE A 18 40.85 -14.46 -4.05
C PHE A 18 39.40 -14.98 -4.17
N PRO A 19 39.22 -16.17 -4.77
CA PRO A 19 37.87 -16.77 -4.86
C PRO A 19 37.37 -17.37 -3.56
N VAL A 20 36.10 -17.12 -3.27
CA VAL A 20 35.37 -17.76 -2.17
C VAL A 20 34.09 -18.31 -2.74
N SER A 21 33.51 -19.28 -2.03
CA SER A 21 32.19 -19.80 -2.40
C SER A 21 31.08 -18.77 -2.12
N ARG A 22 30.19 -18.58 -3.09
CA ARG A 22 29.05 -17.65 -2.97
C ARG A 22 28.16 -17.86 -1.76
N ASN A 23 27.93 -19.13 -1.43
CA ASN A 23 27.07 -19.51 -0.29
C ASN A 23 27.83 -19.70 1.03
N ALA A 24 29.09 -19.27 1.07
CA ALA A 24 29.87 -19.32 2.28
C ALA A 24 29.50 -18.13 3.15
N ASN A 25 29.41 -18.38 4.45
CA ASN A 25 29.17 -17.33 5.43
C ASN A 25 30.39 -16.48 5.73
N LEU A 26 30.14 -15.29 6.25
CA LEU A 26 31.21 -14.31 6.48
C LEU A 26 32.25 -14.79 7.48
N SER A 27 31.81 -15.50 8.51
CA SER A 27 32.71 -16.10 9.50
C SER A 27 33.76 -17.00 8.84
N THR A 28 33.30 -17.90 7.98
CA THR A 28 34.16 -18.76 7.17
C THR A 28 35.13 -17.96 6.29
N ILE A 29 34.62 -16.89 5.67
CA ILE A 29 35.41 -16.08 4.76
C ILE A 29 36.52 -15.33 5.52
N LYS A 30 36.23 -14.91 6.74
CA LYS A 30 37.27 -14.40 7.61
C LYS A 30 38.39 -15.40 7.87
N GLN A 31 38.04 -16.65 8.16
CA GLN A 31 39.07 -17.68 8.32
C GLN A 31 39.95 -17.83 7.07
N LEU A 32 39.33 -17.95 5.89
CA LEU A 32 40.06 -18.04 4.62
C LEU A 32 40.96 -16.81 4.43
N LEU A 33 40.44 -15.63 4.80
CA LEU A 33 41.14 -14.37 4.69
C LEU A 33 42.39 -14.38 5.57
N TRP A 34 42.22 -14.71 6.85
CA TRP A 34 43.33 -14.73 7.80
C TRP A 34 44.41 -15.72 7.41
N HIS A 35 43.99 -16.87 6.89
CA HIS A 35 44.90 -17.89 6.44
C HIS A 35 45.81 -17.41 5.30
N ARG A 36 45.29 -16.55 4.43
CA ARG A 36 46.05 -16.01 3.29
C ARG A 36 46.81 -14.71 3.66
N ALA A 37 46.28 -13.98 4.63
CA ALA A 37 46.87 -12.71 5.08
C ALA A 37 48.20 -12.92 5.75
N GLN A 38 48.38 -14.06 6.42
CA GLN A 38 49.64 -14.38 7.10
C GLN A 38 50.82 -14.46 6.15
N TYR A 39 50.54 -14.68 4.87
CA TYR A 39 51.58 -14.80 3.85
C TYR A 39 51.73 -13.52 3.02
N GLU A 40 51.22 -12.41 3.54
CA GLU A 40 51.24 -11.11 2.86
C GLU A 40 51.86 -10.09 3.82
N PRO A 41 52.30 -8.94 3.29
CA PRO A 41 53.03 -8.01 4.15
C PRO A 41 52.18 -7.44 5.24
N LEU A 42 52.82 -7.04 6.34
CA LEU A 42 52.20 -6.26 7.43
C LEU A 42 51.22 -7.05 8.31
N PHE A 43 51.22 -8.39 8.20
CA PHE A 43 50.30 -9.23 8.96
C PHE A 43 50.38 -9.06 10.48
N HIS A 44 51.62 -9.02 10.99
CA HIS A 44 51.92 -9.04 12.43
C HIS A 44 51.32 -7.89 13.24
N MET A 45 51.06 -6.78 12.56
CA MET A 45 50.39 -5.63 13.14
C MET A 45 48.87 -5.75 13.31
N LEU A 46 48.24 -6.70 12.64
CA LEU A 46 46.79 -6.89 12.76
C LEU A 46 46.41 -7.42 14.15
N SER A 47 45.25 -7.03 14.66
CA SER A 47 44.69 -7.69 15.84
C SER A 47 44.07 -9.01 15.37
N GLY A 48 43.48 -9.78 16.26
CA GLY A 48 42.80 -11.02 15.88
C GLY A 48 41.55 -10.82 15.00
N PRO A 49 41.09 -11.90 14.30
CA PRO A 49 39.90 -11.88 13.44
C PRO A 49 38.70 -11.20 14.06
N GLU A 50 38.45 -11.53 15.33
CA GLU A 50 37.32 -11.04 16.10
C GLU A 50 37.36 -9.56 16.46
N ALA A 51 38.51 -8.90 16.33
CA ALA A 51 38.59 -7.44 16.57
C ALA A 51 38.10 -6.62 15.38
N TYR A 52 37.81 -7.25 14.24
CA TYR A 52 37.32 -6.54 13.06
C TYR A 52 35.97 -7.03 12.56
N VAL A 53 35.28 -6.14 11.86
CA VAL A 53 34.01 -6.45 11.19
C VAL A 53 34.19 -6.09 9.72
N PHE A 54 33.62 -6.92 8.86
CA PHE A 54 33.59 -6.64 7.43
C PHE A 54 32.59 -5.51 7.16
N THR A 55 32.90 -4.79 6.10
CA THR A 55 32.09 -3.69 5.62
C THR A 55 31.99 -3.89 4.13
N CYS A 56 30.80 -3.63 3.60
CA CYS A 56 30.58 -3.66 2.14
C CYS A 56 29.71 -2.49 1.78
N ILE A 57 29.60 -2.24 0.48
CA ILE A 57 28.56 -1.40 -0.09
C ILE A 57 27.40 -2.33 -0.52
N ASN A 58 26.22 -2.13 0.04
CA ASN A 58 25.07 -3.01 -0.23
C ASN A 58 24.28 -2.53 -1.43
N GLN A 59 23.15 -3.20 -1.77
CA GLN A 59 22.42 -2.93 -3.04
C GLN A 59 21.87 -1.50 -3.16
N THR A 60 21.54 -0.93 -2.01
CA THR A 60 21.03 0.44 -1.94
C THR A 60 22.11 1.54 -1.86
N ALA A 61 23.36 1.19 -2.20
CA ALA A 61 24.52 2.11 -2.27
C ALA A 61 24.99 2.68 -0.93
N GLU A 62 24.71 1.95 0.14
CA GLU A 62 25.14 2.36 1.47
C GLU A 62 26.16 1.41 2.04
N GLN A 63 26.99 1.97 2.92
CA GLN A 63 27.99 1.21 3.61
C GLN A 63 27.31 0.48 4.71
N GLN A 64 27.73 -0.77 4.92
CA GLN A 64 27.05 -1.62 5.90
C GLN A 64 28.07 -2.41 6.68
N GLU A 65 28.04 -2.27 7.99
CA GLU A 65 28.80 -3.13 8.87
C GLU A 65 28.09 -4.47 9.05
N LEU A 66 28.79 -5.52 8.69
CA LEU A 66 28.22 -6.86 8.65
C LEU A 66 28.40 -7.59 9.95
N GLU A 67 27.67 -7.17 10.97
CA GLU A 67 27.82 -7.74 12.32
C GLU A 67 27.45 -9.23 12.43
N ASP A 68 26.42 -9.68 11.71
CA ASP A 68 26.00 -11.07 11.76
C ASP A 68 26.89 -11.79 10.78
N GLU A 69 27.87 -12.51 11.32
CA GLU A 69 28.85 -13.25 10.51
C GLU A 69 28.41 -14.65 10.14
N GLN A 70 27.22 -15.05 10.62
CA GLN A 70 26.55 -16.26 10.14
C GLN A 70 25.78 -16.05 8.83
N ARG A 71 25.77 -14.84 8.29
CA ARG A 71 25.13 -14.59 7.00
C ARG A 71 26.05 -15.00 5.86
N ARG A 72 25.42 -15.50 4.80
CA ARG A 72 26.12 -15.94 3.60
C ARG A 72 26.36 -14.76 2.70
N LEU A 73 27.47 -14.79 1.96
CA LEU A 73 27.82 -13.73 1.01
C LEU A 73 26.72 -13.47 -0.03
N CYS A 74 26.13 -14.54 -0.59
CA CYS A 74 25.04 -14.40 -1.56
C CYS A 74 23.81 -13.72 -0.98
N ASP A 75 23.52 -13.98 0.29
CA ASP A 75 22.45 -13.28 1.01
C ASP A 75 22.77 -11.79 1.32
N VAL A 76 24.03 -11.49 1.65
CA VAL A 76 24.48 -10.11 1.91
C VAL A 76 24.31 -9.20 0.70
N GLN A 77 24.55 -9.76 -0.48
CA GLN A 77 24.39 -9.06 -1.76
C GLN A 77 25.08 -7.72 -1.78
N PRO A 78 26.42 -7.71 -1.75
CA PRO A 78 27.16 -6.45 -1.83
C PRO A 78 27.14 -5.96 -3.28
N PHE A 79 27.31 -4.67 -3.50
CA PHE A 79 27.24 -4.13 -4.85
C PHE A 79 28.29 -4.80 -5.74
N LEU A 80 29.54 -4.70 -5.31
CA LEU A 80 30.65 -5.44 -5.94
C LEU A 80 31.20 -6.29 -4.81
N PRO A 81 31.86 -7.42 -5.14
CA PRO A 81 32.37 -8.28 -4.10
C PRO A 81 33.65 -7.66 -3.49
N VAL A 82 33.44 -6.70 -2.59
CA VAL A 82 34.50 -5.89 -1.96
C VAL A 82 34.17 -5.86 -0.48
N LEU A 83 35.08 -6.40 0.33
CA LEU A 83 34.90 -6.43 1.79
C LEU A 83 36.07 -5.71 2.47
N ARG A 84 35.76 -4.80 3.37
CA ARG A 84 36.75 -3.97 4.06
C ARG A 84 36.73 -4.25 5.56
N LEU A 85 37.90 -4.46 6.16
CA LEU A 85 37.99 -4.71 7.60
C LEU A 85 38.13 -3.40 8.37
N VAL A 86 37.22 -3.16 9.30
CA VAL A 86 37.22 -1.97 10.16
C VAL A 86 37.03 -2.44 11.60
N ALA A 87 37.20 -1.51 12.52
CA ALA A 87 37.07 -1.78 13.95
C ALA A 87 35.63 -1.97 14.36
N ARG A 88 35.43 -2.72 15.43
CA ARG A 88 34.14 -2.77 16.15
C ARG A 88 34.00 -1.55 17.06
N GLU A 89 33.73 -0.38 16.47
CA GLU A 89 33.65 0.88 17.22
C GLU A 89 32.27 1.53 17.09
N GLY A 90 32.06 2.60 17.86
CA GLY A 90 30.83 3.41 17.79
C GLY A 90 29.57 2.68 18.22
N ASP A 91 28.44 3.37 18.11
CA ASP A 91 27.15 2.79 18.48
C ASP A 91 26.71 1.79 17.40
N ARG A 92 27.20 0.57 17.53
CA ARG A 92 26.93 -0.48 16.53
C ARG A 92 25.45 -0.83 16.40
N VAL A 93 24.71 -0.67 17.50
CA VAL A 93 23.26 -0.85 17.53
C VAL A 93 22.59 0.13 16.55
N LYS A 94 22.92 1.41 16.69
CA LYS A 94 22.46 2.45 15.76
C LYS A 94 22.88 2.18 14.30
N LYS A 95 24.13 1.78 14.10
CA LYS A 95 24.66 1.42 12.78
C LYS A 95 23.90 0.23 12.18
N LEU A 96 23.71 -0.84 12.96
CA LEU A 96 22.98 -2.04 12.53
C LEU A 96 21.53 -1.77 12.13
N ILE A 97 20.80 -1.03 12.96
CA ILE A 97 19.40 -0.70 12.70
C ILE A 97 19.28 0.16 11.45
N ASN A 98 20.11 1.18 11.31
CA ASN A 98 20.06 2.06 10.15
C ASN A 98 20.23 1.34 8.82
N SER A 99 21.14 0.36 8.80
CA SER A 99 21.37 -0.45 7.61
C SER A 99 20.23 -1.43 7.32
N GLN A 100 19.68 -2.05 8.36
CA GLN A 100 18.57 -2.98 8.19
C GLN A 100 17.34 -2.29 7.64
N ILE A 101 17.03 -1.10 8.19
CA ILE A 101 15.91 -0.27 7.73
C ILE A 101 16.00 -0.03 6.22
N SER A 102 17.16 0.42 5.75
CA SER A 102 17.39 0.71 4.33
C SER A 102 17.10 -0.51 3.48
N LEU A 103 17.55 -1.67 3.94
CA LEU A 103 17.30 -2.91 3.21
C LEU A 103 15.82 -3.31 3.24
N LEU A 104 15.16 -3.03 4.34
CA LEU A 104 13.80 -3.47 4.60
C LEU A 104 12.75 -2.62 3.88
N ILE A 105 12.94 -1.30 3.93
CA ILE A 105 11.96 -0.35 3.34
C ILE A 105 12.13 -0.08 1.85
N GLY A 106 13.09 -0.73 1.20
CA GLY A 106 13.40 -0.45 -0.20
C GLY A 106 14.47 0.62 -0.26
N LYS A 107 14.09 1.83 0.09
CA LYS A 107 14.93 3.04 -0.10
C LYS A 107 16.06 3.23 0.93
N GLY A 108 17.28 3.41 0.45
CA GLY A 108 18.41 3.78 1.32
C GLY A 108 18.17 5.06 2.15
N LEU A 109 18.46 5.00 3.45
CA LEU A 109 18.24 6.17 4.31
C LEU A 109 19.03 7.40 3.86
N HIS A 110 20.21 7.17 3.28
CA HIS A 110 21.03 8.25 2.73
C HIS A 110 20.28 9.07 1.68
N GLU A 111 19.35 8.45 0.96
CA GLU A 111 18.55 9.15 -0.06
C GLU A 111 17.73 10.28 0.52
N PHE A 112 17.37 10.15 1.79
CA PHE A 112 16.70 11.23 2.51
C PHE A 112 17.65 12.41 2.80
N ASP A 113 18.88 12.10 3.23
CA ASP A 113 19.88 13.15 3.45
C ASP A 113 20.20 13.92 2.15
N SER A 114 20.42 13.17 1.06
CA SER A 114 20.71 13.72 -0.28
C SER A 114 19.78 14.81 -0.81
N LEU A 115 18.54 14.85 -0.33
CA LEU A 115 17.58 15.87 -0.74
C LEU A 115 17.86 17.26 -0.17
N CYS A 116 18.61 17.32 0.93
CA CYS A 116 18.88 18.58 1.63
C CYS A 116 17.60 19.37 1.84
N ASP A 117 16.74 18.81 2.70
CA ASP A 117 15.38 19.34 2.92
C ASP A 117 15.04 19.41 4.42
N PRO A 118 14.89 20.63 4.97
CA PRO A 118 14.48 20.79 6.38
C PRO A 118 13.24 19.99 6.77
N GLU A 119 12.22 19.96 5.89
CA GLU A 119 10.96 19.24 6.18
C GLU A 119 11.21 17.75 6.39
N VAL A 120 11.98 17.15 5.48
CA VAL A 120 12.41 15.76 5.63
C VAL A 120 13.19 15.59 6.93
N ASN A 121 14.17 16.45 7.17
CA ASN A 121 15.04 16.34 8.36
C ASN A 121 14.29 16.50 9.67
N ASP A 122 13.36 17.43 9.71
CA ASP A 122 12.52 17.61 10.88
C ASP A 122 11.60 16.42 11.11
N PHE A 123 11.05 15.88 10.04
CA PHE A 123 10.19 14.69 10.16
C PHE A 123 10.97 13.55 10.78
N ARG A 124 12.10 13.20 10.16
CA ARG A 124 12.92 12.09 10.65
C ARG A 124 13.33 12.28 12.10
N ALA A 125 13.74 13.50 12.44
CA ALA A 125 14.19 13.80 13.81
C ALA A 125 13.05 13.68 14.80
N LYS A 126 11.90 14.27 14.48
CA LYS A 126 10.76 14.29 15.39
C LYS A 126 10.05 12.93 15.50
N MET A 127 9.90 12.25 14.37
CA MET A 127 9.14 10.99 14.34
C MET A 127 9.91 9.82 14.87
N CYS A 128 11.19 9.76 14.55
CA CYS A 128 12.07 8.70 15.06
C CYS A 128 12.22 8.78 16.57
N GLN A 129 12.26 10.01 17.09
N GLN A 129 12.29 10.00 17.07
CA GLN A 129 12.34 10.27 18.53
CA GLN A 129 12.36 10.24 18.51
C GLN A 129 11.09 9.74 19.25
C GLN A 129 11.10 9.71 19.23
N PHE A 130 9.91 10.15 18.77
CA PHE A 130 8.63 9.66 19.31
C PHE A 130 8.46 8.13 19.25
N CYS A 131 8.83 7.54 18.11
CA CYS A 131 8.72 6.08 17.92
C CYS A 131 9.67 5.28 18.80
N GLU A 132 10.93 5.71 18.87
CA GLU A 132 11.91 5.15 19.84
C GLU A 132 11.42 5.26 21.30
N GLU A 133 10.76 6.37 21.63
CA GLU A 133 10.32 6.61 23.00
C GLU A 133 9.21 5.66 23.38
N ALA A 134 8.22 5.56 22.50
CA ALA A 134 7.16 4.58 22.64
C ALA A 134 7.71 3.17 22.83
N ALA A 135 8.70 2.81 22.01
CA ALA A 135 9.38 1.52 22.13
C ALA A 135 10.00 1.31 23.51
N ALA A 136 10.62 2.35 24.05
CA ALA A 136 11.30 2.23 25.35
C ALA A 136 10.30 2.07 26.47
N ARG A 137 9.20 2.81 26.42
CA ARG A 137 8.12 2.65 27.38
C ARG A 137 7.61 1.22 27.35
N ARG A 138 7.28 0.74 26.15
CA ARG A 138 6.80 -0.63 25.92
C ARG A 138 7.68 -1.71 26.57
N GLN A 139 9.00 -1.54 26.49
CA GLN A 139 9.93 -2.52 27.07
C GLN A 139 9.79 -2.63 28.59
N GLN A 140 9.48 -1.51 29.24
CA GLN A 140 9.25 -1.48 30.69
C GLN A 140 7.95 -2.18 31.15
N LEU A 141 6.99 -2.35 30.26
CA LEU A 141 5.69 -2.94 30.60
C LEU A 141 5.72 -4.44 30.89
N GLY A 142 4.70 -4.89 31.62
CA GLY A 142 4.61 -6.27 32.08
C GLY A 142 4.26 -7.25 30.98
N TRP A 143 4.62 -8.52 31.23
CA TRP A 143 4.46 -9.60 30.25
C TRP A 143 3.06 -9.71 29.68
N GLU A 144 2.05 -9.44 30.51
CA GLU A 144 0.65 -9.44 30.06
C GLU A 144 0.45 -8.34 29.02
N ALA A 145 0.78 -7.12 29.38
CA ALA A 145 0.67 -5.98 28.48
C ALA A 145 1.49 -6.17 27.20
N TRP A 146 2.72 -6.64 27.34
CA TRP A 146 3.55 -6.90 26.16
C TRP A 146 2.95 -7.97 25.24
N LEU A 147 2.32 -8.97 25.84
CA LEU A 147 1.58 -9.98 25.09
C LEU A 147 0.42 -9.35 24.33
N GLN A 148 -0.24 -8.40 24.97
CA GLN A 148 -1.31 -7.64 24.36
C GLN A 148 -0.82 -6.82 23.17
N TYR A 149 0.33 -6.15 23.33
CA TYR A 149 0.96 -5.44 22.22
C TYR A 149 1.28 -6.40 21.07
N SER A 150 1.97 -7.47 21.43
CA SER A 150 2.50 -8.40 20.45
C SER A 150 1.47 -9.27 19.74
N PHE A 151 0.57 -9.86 20.52
CA PHE A 151 -0.43 -10.82 19.97
C PHE A 151 -1.81 -10.51 20.52
N PRO A 152 -2.44 -9.44 19.99
CA PRO A 152 -3.76 -9.05 20.47
C PRO A 152 -4.82 -10.07 20.11
N LEU A 153 -5.83 -10.13 20.95
CA LEU A 153 -6.89 -11.10 20.86
C LEU A 153 -7.65 -11.04 19.55
N GLN A 154 -7.85 -12.22 18.98
CA GLN A 154 -8.61 -12.37 17.76
C GLN A 154 -9.93 -12.91 18.22
N LEU A 155 -10.90 -12.01 18.34
CA LEU A 155 -12.21 -12.36 18.84
C LEU A 155 -13.25 -12.23 17.76
N GLU A 156 -14.32 -12.99 17.92
CA GLU A 156 -15.46 -12.95 17.00
C GLU A 156 -16.20 -11.63 17.20
N PRO A 157 -16.90 -11.13 16.16
CA PRO A 157 -17.67 -9.87 16.24
C PRO A 157 -18.75 -9.75 17.33
N SER A 158 -19.16 -10.85 17.96
CA SER A 158 -20.00 -10.84 19.17
C SER A 158 -19.52 -9.80 20.20
N ALA A 159 -18.21 -9.84 20.46
CA ALA A 159 -17.55 -8.91 21.39
C ALA A 159 -17.22 -7.57 20.74
N GLN A 160 -17.29 -6.51 21.53
CA GLN A 160 -17.03 -5.12 21.11
C GLN A 160 -18.04 -4.64 20.07
N LEU A 169 -26.69 -16.58 22.37
CA LEU A 169 -25.46 -17.31 22.64
C LEU A 169 -25.70 -18.51 23.58
N PRO A 170 -25.63 -19.75 23.04
CA PRO A 170 -25.89 -20.94 23.87
C PRO A 170 -24.69 -21.49 24.66
N ASN A 171 -24.99 -22.39 25.59
CA ASN A 171 -24.03 -22.99 26.53
C ASN A 171 -23.97 -24.51 26.34
N ARG A 172 -22.77 -25.03 26.07
CA ARG A 172 -22.52 -26.47 25.94
C ARG A 172 -21.18 -26.83 26.55
N ALA A 173 -21.09 -28.03 27.13
CA ALA A 173 -19.85 -28.55 27.70
C ALA A 173 -19.08 -29.29 26.63
N LEU A 174 -17.88 -28.79 26.26
CA LEU A 174 -17.04 -29.41 25.22
C LEU A 174 -15.57 -29.58 25.61
N LEU A 175 -14.93 -30.59 25.01
CA LEU A 175 -13.58 -31.05 25.38
C LEU A 175 -12.49 -30.11 24.85
N VAL A 176 -11.42 -29.95 25.63
CA VAL A 176 -10.22 -29.22 25.23
C VAL A 176 -8.95 -30.02 25.54
N ASN A 177 -8.04 -30.11 24.57
CA ASN A 177 -6.72 -30.72 24.80
C ASN A 177 -5.76 -29.67 25.35
N VAL A 178 -5.22 -29.94 26.53
CA VAL A 178 -4.27 -29.04 27.20
C VAL A 178 -2.99 -29.81 27.56
N LYS A 179 -1.85 -29.19 27.22
CA LYS A 179 -0.52 -29.66 27.62
C LYS A 179 0.31 -28.49 28.14
N PHE A 180 1.56 -28.75 28.50
CA PHE A 180 2.51 -27.72 28.96
C PHE A 180 3.70 -27.57 28.02
N GLU A 181 4.42 -26.47 28.24
CA GLU A 181 5.59 -26.14 27.44
C GLU A 181 6.75 -27.01 27.90
N GLY A 182 7.24 -27.88 27.02
CA GLY A 182 8.31 -28.84 27.31
C GLY A 182 7.89 -30.31 27.44
N SER A 183 6.69 -30.53 27.99
CA SER A 183 6.18 -31.88 28.29
C SER A 183 5.18 -32.40 27.26
N GLU A 184 5.42 -33.62 26.79
CA GLU A 184 4.52 -34.30 25.85
C GLU A 184 3.19 -34.75 26.45
N GLU A 185 3.11 -34.87 27.78
CA GLU A 185 1.90 -35.33 28.47
C GLU A 185 0.78 -34.30 28.38
N SER A 186 -0.20 -34.59 27.50
CA SER A 186 -1.40 -33.77 27.36
C SER A 186 -2.56 -34.31 28.20
N PHE A 187 -3.55 -33.44 28.39
CA PHE A 187 -4.76 -33.72 29.18
C PHE A 187 -5.98 -33.28 28.37
N THR A 188 -6.93 -34.19 28.20
CA THR A 188 -8.21 -33.90 27.57
C THR A 188 -9.29 -33.86 28.65
N PHE A 189 -10.08 -32.79 28.67
CA PHE A 189 -11.15 -32.64 29.67
C PHE A 189 -12.20 -31.60 29.27
N GLN A 190 -13.42 -31.79 29.78
CA GLN A 190 -14.57 -30.96 29.43
C GLN A 190 -14.59 -29.64 30.20
N VAL A 191 -14.85 -28.54 29.48
CA VAL A 191 -15.10 -27.22 30.05
C VAL A 191 -16.17 -26.52 29.21
N SER A 192 -16.97 -25.67 29.84
CA SER A 192 -18.09 -25.02 29.14
C SER A 192 -17.64 -23.87 28.24
N THR A 193 -18.43 -23.61 27.20
CA THR A 193 -18.19 -22.50 26.28
C THR A 193 -18.19 -21.12 26.94
N LYS A 194 -18.89 -20.97 28.07
CA LYS A 194 -18.97 -19.70 28.80
C LYS A 194 -17.91 -19.53 29.91
N ASP A 195 -17.08 -20.55 30.13
CA ASP A 195 -15.95 -20.44 31.06
C ASP A 195 -14.97 -19.42 30.49
N VAL A 196 -14.43 -18.54 31.35
CA VAL A 196 -13.31 -17.65 30.98
C VAL A 196 -12.01 -18.48 30.83
N PRO A 197 -10.98 -17.94 30.15
CA PRO A 197 -9.74 -18.71 29.99
C PRO A 197 -8.98 -18.96 31.30
N LEU A 198 -9.04 -18.03 32.25
CA LEU A 198 -8.47 -18.23 33.60
C LEU A 198 -8.97 -19.50 34.32
N ALA A 199 -10.25 -19.84 34.13
CA ALA A 199 -10.84 -21.03 34.75
C ALA A 199 -10.28 -22.31 34.15
N LEU A 200 -10.19 -22.36 32.82
CA LEU A 200 -9.61 -23.51 32.10
C LEU A 200 -8.15 -23.76 32.50
N MET A 201 -7.40 -22.67 32.69
CA MET A 201 -6.02 -22.71 33.22
C MET A 201 -5.96 -23.35 34.61
N ALA A 202 -6.85 -22.94 35.50
CA ALA A 202 -6.94 -23.52 36.85
C ALA A 202 -7.15 -25.03 36.85
N CYS A 203 -7.94 -25.54 35.91
CA CYS A 203 -8.19 -27.00 35.80
C CYS A 203 -6.94 -27.76 35.42
N ALA A 204 -6.22 -27.23 34.44
CA ALA A 204 -4.99 -27.85 33.95
C ALA A 204 -3.92 -27.96 35.03
N LEU A 205 -3.86 -26.95 35.92
CA LEU A 205 -2.96 -26.98 37.07
C LEU A 205 -3.37 -27.98 38.13
N ARG A 206 -4.65 -28.02 38.47
CA ARG A 206 -5.17 -28.98 39.44
C ARG A 206 -4.92 -30.42 38.99
N LYS A 207 -4.98 -30.65 37.67
CA LYS A 207 -4.53 -31.91 37.07
C LYS A 207 -3.02 -32.15 37.29
N LYS A 208 -2.20 -31.13 37.02
CA LYS A 208 -0.75 -31.16 37.28
C LYS A 208 -0.39 -31.32 38.76
N ALA A 209 -1.18 -30.71 39.65
CA ALA A 209 -0.94 -30.76 41.09
C ALA A 209 -1.19 -32.14 41.71
N THR A 210 -2.01 -32.95 41.04
CA THR A 210 -2.28 -34.34 41.44
C THR A 210 -1.03 -35.21 41.31
N VAL A 211 -0.39 -35.15 40.14
CA VAL A 211 0.82 -35.93 39.84
C VAL A 211 2.08 -35.44 40.57
N GLU A 218 3.79 -22.68 41.42
CA GLU A 218 3.08 -22.31 40.19
C GLU A 218 1.64 -21.90 40.50
N GLN A 219 1.26 -20.70 40.07
CA GLN A 219 -0.11 -20.18 40.22
C GLN A 219 -0.77 -20.12 38.83
N PRO A 220 -2.10 -20.32 38.74
CA PRO A 220 -2.80 -20.22 37.43
C PRO A 220 -2.71 -18.86 36.71
N GLU A 221 -2.50 -17.78 37.47
CA GLU A 221 -2.34 -16.42 36.93
C GLU A 221 -0.93 -16.20 36.37
N ASP A 222 0.01 -17.06 36.72
CA ASP A 222 1.38 -17.02 36.19
C ASP A 222 1.51 -17.74 34.84
N TYR A 223 0.40 -17.85 34.11
CA TYR A 223 0.36 -18.56 32.84
C TYR A 223 -0.57 -17.85 31.85
N THR A 224 -0.36 -18.17 30.57
CA THR A 224 -1.30 -17.83 29.50
C THR A 224 -1.50 -19.08 28.64
N LEU A 225 -2.47 -19.03 27.74
CA LEU A 225 -2.79 -20.15 26.88
C LEU A 225 -2.46 -19.80 25.45
N GLN A 226 -1.71 -20.68 24.79
CA GLN A 226 -1.35 -20.54 23.38
C GLN A 226 -2.05 -21.59 22.52
N VAL A 227 -2.55 -21.17 21.36
CA VAL A 227 -2.97 -22.10 20.32
C VAL A 227 -1.68 -22.66 19.71
N ASN A 228 -1.29 -23.85 20.12
CA ASN A 228 -0.02 -24.43 19.67
C ASN A 228 0.05 -24.63 18.16
N GLY A 229 1.21 -24.31 17.61
CA GLY A 229 1.43 -24.14 16.17
C GLY A 229 1.32 -22.69 15.69
N ARG A 230 0.84 -21.80 16.57
CA ARG A 230 0.46 -20.44 16.19
C ARG A 230 0.74 -19.46 17.31
N HIS A 231 1.06 -18.21 16.95
CA HIS A 231 1.11 -17.13 17.93
C HIS A 231 -0.27 -16.48 18.07
N GLU A 232 -1.18 -17.23 18.67
CA GLU A 232 -2.54 -16.76 18.99
C GLU A 232 -2.82 -17.24 20.40
N TYR A 233 -3.14 -16.31 21.28
CA TYR A 233 -3.22 -16.59 22.71
C TYR A 233 -4.60 -16.27 23.27
N LEU A 234 -5.02 -17.09 24.24
CA LEU A 234 -6.31 -16.97 24.91
C LEU A 234 -6.09 -16.36 26.30
N TYR A 235 -6.54 -15.12 26.46
CA TYR A 235 -6.48 -14.43 27.73
C TYR A 235 -7.59 -13.38 27.80
N GLY A 236 -7.76 -12.80 28.98
CA GLY A 236 -8.68 -11.68 29.18
C GLY A 236 -10.01 -12.11 29.76
N SER A 237 -10.91 -11.13 29.91
CA SER A 237 -12.22 -11.29 30.53
C SER A 237 -13.34 -11.62 29.52
N TYR A 238 -13.18 -12.72 28.79
CA TYR A 238 -14.06 -13.10 27.68
C TYR A 238 -14.30 -14.60 27.72
N PRO A 239 -15.51 -15.07 27.36
CA PRO A 239 -15.77 -16.50 27.34
C PRO A 239 -15.11 -17.17 26.14
N LEU A 240 -14.84 -18.47 26.26
CA LEU A 240 -14.08 -19.24 25.26
C LEU A 240 -14.64 -19.17 23.83
N CYS A 241 -15.97 -19.24 23.71
CA CYS A 241 -16.63 -19.25 22.41
C CYS A 241 -16.49 -17.94 21.61
N GLN A 242 -16.18 -16.82 22.29
CA GLN A 242 -15.89 -15.55 21.60
C GLN A 242 -14.51 -15.47 20.96
N PHE A 243 -13.63 -16.43 21.27
CA PHE A 243 -12.34 -16.50 20.60
C PHE A 243 -12.51 -17.22 19.29
N GLN A 244 -11.98 -16.62 18.22
CA GLN A 244 -12.04 -17.18 16.87
C GLN A 244 -11.62 -18.64 16.77
N TYR A 245 -10.57 -19.02 17.49
CA TYR A 245 -10.03 -20.40 17.45
C TYR A 245 -11.03 -21.43 17.97
N ILE A 246 -11.71 -21.08 19.07
CA ILE A 246 -12.71 -21.94 19.68
C ILE A 246 -13.98 -21.96 18.85
N CYS A 247 -14.42 -20.76 18.46
CA CYS A 247 -15.57 -20.61 17.57
C CYS A 247 -15.42 -21.44 16.30
N SER A 248 -14.23 -21.39 15.72
CA SER A 248 -13.87 -22.19 14.54
C SER A 248 -13.92 -23.70 14.82
N CYS A 249 -13.38 -24.13 15.96
CA CYS A 249 -13.40 -25.54 16.40
C CYS A 249 -14.81 -26.06 16.73
N LEU A 250 -15.58 -25.25 17.46
CA LEU A 250 -17.01 -25.53 17.78
C LEU A 250 -17.87 -25.85 16.55
N HIS A 251 -17.80 -25.00 15.54
CA HIS A 251 -18.54 -25.21 14.28
C HIS A 251 -18.08 -26.48 13.58
N SER A 252 -16.76 -26.65 13.46
CA SER A 252 -16.17 -27.86 12.87
C SER A 252 -16.33 -29.14 13.71
N GLY A 253 -16.60 -28.99 15.00
CA GLY A 253 -16.72 -30.13 15.93
C GLY A 253 -15.40 -30.74 16.39
N LEU A 254 -14.29 -30.04 16.12
CA LEU A 254 -12.94 -30.52 16.45
C LEU A 254 -12.58 -30.08 17.86
N THR A 255 -11.64 -30.79 18.47
CA THR A 255 -11.16 -30.48 19.81
C THR A 255 -10.03 -29.47 19.65
N PRO A 256 -10.15 -28.31 20.34
CA PRO A 256 -9.04 -27.36 20.29
C PRO A 256 -7.83 -27.87 21.05
N HIS A 257 -6.64 -27.55 20.55
CA HIS A 257 -5.37 -27.95 21.18
C HIS A 257 -4.64 -26.73 21.68
N LEU A 258 -4.57 -26.62 23.01
CA LEU A 258 -3.88 -25.54 23.68
C LEU A 258 -2.64 -26.00 24.42
N THR A 259 -1.78 -25.04 24.70
CA THR A 259 -0.56 -25.23 25.44
C THR A 259 -0.49 -24.10 26.45
N MET A 260 -0.15 -24.43 27.69
CA MET A 260 -0.05 -23.41 28.72
C MET A 260 1.38 -22.92 28.84
N VAL A 261 1.57 -21.62 28.64
CA VAL A 261 2.89 -21.01 28.67
C VAL A 261 3.11 -20.18 29.94
N HIS A 262 4.28 -20.35 30.55
CA HIS A 262 4.65 -19.61 31.75
C HIS A 262 5.05 -18.15 31.41
N SER A 263 4.73 -17.23 32.31
CA SER A 263 5.00 -15.78 32.13
C SER A 263 6.47 -15.43 31.79
N SER A 264 7.38 -16.10 32.48
CA SER A 264 8.81 -16.07 32.21
C SER A 264 9.16 -16.31 30.73
N SER A 265 8.53 -17.33 30.14
CA SER A 265 8.68 -17.61 28.71
C SER A 265 8.23 -16.44 27.81
N ILE A 266 7.22 -15.69 28.25
CA ILE A 266 6.79 -14.45 27.57
C ILE A 266 7.78 -13.30 27.77
N LEU A 267 8.33 -13.18 28.97
CA LEU A 267 9.40 -12.21 29.20
C LEU A 267 10.64 -12.54 28.37
N ALA A 268 10.95 -13.83 28.19
CA ALA A 268 12.10 -14.26 27.37
C ALA A 268 12.03 -13.72 25.93
N MET A 269 10.88 -13.88 25.29
CA MET A 269 10.65 -13.39 23.93
C MET A 269 10.51 -11.85 23.88
N ARG A 270 10.09 -11.24 24.98
CA ARG A 270 10.14 -9.77 25.13
C ARG A 270 11.56 -9.23 25.08
N ASP A 271 12.48 -9.92 25.76
CA ASP A 271 13.88 -9.47 25.89
C ASP A 271 14.68 -9.75 24.62
N GLU A 272 14.58 -10.99 24.12
CA GLU A 272 15.21 -11.38 22.85
C GLU A 272 14.35 -12.41 22.14
N SER A 297 7.92 42.04 13.25
CA SER A 297 7.27 41.03 12.41
C SER A 297 5.99 41.59 11.78
N VAL A 298 5.74 41.19 10.53
CA VAL A 298 4.61 41.68 9.73
C VAL A 298 3.48 40.65 9.72
N SER A 299 2.24 41.15 9.78
CA SER A 299 1.05 40.32 9.76
C SER A 299 0.67 39.96 8.32
N LEU A 300 -0.02 38.83 8.15
CA LEU A 300 -0.48 38.40 6.82
C LEU A 300 -1.67 39.21 6.30
N TRP A 301 -2.61 39.54 7.19
CA TRP A 301 -3.83 40.25 6.81
C TRP A 301 -3.60 41.72 6.49
N SER A 302 -2.45 42.26 6.90
CA SER A 302 -2.01 43.61 6.53
C SER A 302 -1.59 43.77 5.05
N LEU A 303 -1.12 42.68 4.43
CA LEU A 303 -0.59 42.74 3.06
C LEU A 303 -1.70 42.56 1.98
N GLU A 304 -2.33 43.68 1.61
CA GLU A 304 -3.46 43.68 0.66
C GLU A 304 -3.03 43.77 -0.82
N GLN A 305 -1.99 43.02 -1.18
CA GLN A 305 -1.38 43.08 -2.51
C GLN A 305 -1.82 41.85 -3.31
N PRO A 306 -2.20 42.02 -4.59
CA PRO A 306 -2.66 40.85 -5.36
C PRO A 306 -1.56 39.83 -5.58
N PHE A 307 -1.95 38.54 -5.61
CA PHE A 307 -0.98 37.43 -5.69
C PHE A 307 -0.40 37.29 -7.09
N ARG A 308 0.92 37.16 -7.16
CA ARG A 308 1.63 37.07 -8.44
C ARG A 308 2.82 36.14 -8.35
N ILE A 309 3.25 35.67 -9.52
CA ILE A 309 4.48 34.89 -9.67
C ILE A 309 5.22 35.25 -10.96
N GLU A 310 6.53 35.04 -10.94
CA GLU A 310 7.35 35.14 -12.15
C GLU A 310 7.50 33.73 -12.76
N LEU A 311 6.89 33.54 -13.94
CA LEU A 311 7.15 32.37 -14.78
C LEU A 311 8.43 32.59 -15.56
N ILE A 312 9.54 32.04 -15.07
CA ILE A 312 10.84 32.27 -15.67
C ILE A 312 10.99 31.39 -16.92
N GLN A 313 11.14 30.10 -16.70
CA GLN A 313 11.68 29.17 -17.71
C GLN A 313 11.10 27.79 -17.51
N GLY A 314 11.10 27.01 -18.59
CA GLY A 314 10.91 25.57 -18.53
C GLY A 314 12.16 24.84 -18.95
N SER A 315 12.25 23.57 -18.56
CA SER A 315 13.42 22.73 -18.87
C SER A 315 13.00 21.32 -19.24
N LYS A 316 13.70 20.73 -20.20
CA LYS A 316 13.52 19.31 -20.59
C LYS A 316 12.11 18.99 -21.09
N VAL A 317 11.58 19.84 -21.95
CA VAL A 317 10.30 19.60 -22.61
C VAL A 317 10.51 18.74 -23.85
N ASN A 318 9.64 17.74 -24.02
CA ASN A 318 9.63 16.86 -25.19
C ASN A 318 8.27 16.98 -25.88
N ALA A 319 8.16 17.96 -26.79
CA ALA A 319 6.89 18.27 -27.46
C ALA A 319 7.02 18.26 -29.01
N ASP A 320 5.93 18.57 -29.71
CA ASP A 320 5.95 18.67 -31.18
C ASP A 320 6.55 20.01 -31.62
N GLU A 321 7.68 19.97 -32.32
CA GLU A 321 8.40 21.18 -32.77
C GLU A 321 7.53 22.18 -33.56
N ARG A 322 6.60 21.65 -34.36
CA ARG A 322 5.68 22.46 -35.16
C ARG A 322 4.77 23.39 -34.33
N MET A 323 4.39 22.93 -33.14
CA MET A 323 3.41 23.61 -32.29
C MET A 323 4.05 24.74 -31.46
N LYS A 324 3.25 25.34 -30.57
CA LYS A 324 3.71 26.31 -29.56
C LYS A 324 3.42 25.77 -28.16
N LEU A 325 4.02 26.39 -27.15
CA LEU A 325 3.87 26.00 -25.72
C LEU A 325 3.20 27.06 -24.86
N VAL A 326 2.29 26.61 -23.99
CA VAL A 326 1.57 27.46 -23.03
C VAL A 326 1.61 26.84 -21.64
N VAL A 327 1.69 27.70 -20.63
CA VAL A 327 1.65 27.27 -19.23
C VAL A 327 0.39 27.84 -18.60
N GLN A 328 -0.46 26.95 -18.11
CA GLN A 328 -1.69 27.32 -17.44
C GLN A 328 -1.47 27.27 -15.95
N ALA A 329 -2.04 28.23 -15.22
CA ALA A 329 -1.92 28.25 -13.76
C ALA A 329 -3.22 28.61 -13.06
N GLY A 330 -3.32 28.24 -11.79
CA GLY A 330 -4.51 28.51 -10.98
C GLY A 330 -4.27 28.15 -9.53
N LEU A 331 -4.81 28.98 -8.63
CA LEU A 331 -4.76 28.71 -7.20
C LEU A 331 -5.92 27.80 -6.83
N PHE A 332 -5.71 26.98 -5.81
CA PHE A 332 -6.68 25.98 -5.38
C PHE A 332 -6.68 25.74 -3.88
N HIS A 333 -7.84 25.31 -3.38
CA HIS A 333 -8.02 24.84 -2.03
C HIS A 333 -8.94 23.65 -2.14
N GLY A 334 -8.37 22.45 -2.08
CA GLY A 334 -9.12 21.21 -2.35
C GLY A 334 -9.60 21.17 -3.79
N ASN A 335 -10.89 20.91 -3.99
CA ASN A 335 -11.51 20.97 -5.31
C ASN A 335 -11.69 22.37 -5.87
N GLU A 336 -12.07 23.31 -5.00
CA GLU A 336 -12.50 24.63 -5.44
C GLU A 336 -11.33 25.53 -5.89
N MET A 337 -11.56 26.28 -6.97
CA MET A 337 -10.68 27.38 -7.35
C MET A 337 -10.85 28.52 -6.37
N LEU A 338 -9.77 29.20 -6.06
CA LEU A 338 -9.80 30.38 -5.20
C LEU A 338 -10.12 31.63 -6.01
N CYS A 339 -9.61 31.66 -7.23
CA CYS A 339 -9.86 32.75 -8.17
C CYS A 339 -9.78 32.17 -9.58
N LYS A 340 -9.99 33.01 -10.58
CA LYS A 340 -9.92 32.60 -11.98
C LYS A 340 -8.50 32.24 -12.37
N THR A 341 -8.36 31.41 -13.40
CA THR A 341 -7.05 30.98 -13.90
C THR A 341 -6.43 32.06 -14.78
N VAL A 342 -5.13 31.91 -15.05
CA VAL A 342 -4.38 32.79 -15.94
C VAL A 342 -3.42 31.98 -16.78
N SER A 343 -3.15 32.47 -18.00
CA SER A 343 -2.28 31.78 -18.95
C SER A 343 -1.07 32.61 -19.41
N SER A 344 -0.01 31.90 -19.79
CA SER A 344 1.20 32.49 -20.35
C SER A 344 1.01 32.81 -21.83
N SER A 345 2.01 33.47 -22.40
CA SER A 345 2.07 33.69 -23.84
C SER A 345 2.45 32.37 -24.53
N GLU A 346 2.13 32.32 -25.82
CA GLU A 346 2.43 31.18 -26.67
C GLU A 346 3.87 31.29 -27.20
N VAL A 347 4.81 30.83 -26.38
CA VAL A 347 6.21 30.67 -26.76
C VAL A 347 6.33 29.41 -27.62
N SER A 348 7.30 29.41 -28.54
CA SER A 348 7.50 28.28 -29.46
C SER A 348 8.01 27.04 -28.73
N VAL A 349 7.77 25.87 -29.33
CA VAL A 349 8.20 24.60 -28.76
C VAL A 349 9.71 24.46 -28.91
N CYS A 350 10.39 24.47 -27.77
CA CYS A 350 11.77 24.00 -27.67
C CYS A 350 11.91 23.25 -26.34
N SER A 351 13.06 22.59 -26.16
CA SER A 351 13.39 21.91 -24.91
C SER A 351 13.45 22.85 -23.69
N GLU A 352 13.97 24.05 -23.90
CA GLU A 352 14.27 25.02 -22.83
C GLU A 352 13.54 26.35 -23.06
N PRO A 353 12.19 26.33 -22.99
CA PRO A 353 11.39 27.54 -23.25
C PRO A 353 11.55 28.61 -22.17
N VAL A 354 11.37 29.87 -22.55
CA VAL A 354 11.57 31.03 -21.67
C VAL A 354 10.37 31.96 -21.79
N TRP A 355 9.84 32.42 -20.66
CA TRP A 355 8.68 33.33 -20.61
C TRP A 355 8.99 34.68 -19.94
N LYS A 356 9.46 34.62 -18.69
CA LYS A 356 9.77 35.80 -17.87
C LYS A 356 8.60 36.75 -17.61
N GLN A 357 7.38 36.20 -17.59
CA GLN A 357 6.16 37.00 -17.38
C GLN A 357 5.77 37.03 -15.92
N ARG A 358 5.10 38.11 -15.53
CA ARG A 358 4.32 38.10 -14.32
C ARG A 358 2.96 37.53 -14.67
N LEU A 359 2.56 36.50 -13.94
CA LEU A 359 1.17 36.05 -13.91
C LEU A 359 0.58 36.59 -12.62
N GLU A 360 -0.41 37.49 -12.75
CA GLU A 360 -1.14 38.06 -11.62
C GLU A 360 -2.50 37.38 -11.51
N PHE A 361 -2.90 37.07 -10.29
CA PHE A 361 -4.14 36.36 -9.99
C PHE A 361 -5.14 37.27 -9.30
N ASP A 362 -6.43 36.99 -9.50
CA ASP A 362 -7.55 37.81 -8.98
C ASP A 362 -7.80 37.53 -7.49
N ILE A 363 -6.77 37.67 -6.68
CA ILE A 363 -6.86 37.45 -5.23
C ILE A 363 -5.65 38.05 -4.53
N ASN A 364 -5.90 38.66 -3.37
CA ASN A 364 -4.85 39.24 -2.56
C ASN A 364 -4.15 38.21 -1.66
N ILE A 365 -2.90 38.51 -1.32
CA ILE A 365 -2.10 37.70 -0.39
C ILE A 365 -2.80 37.55 0.97
N CYS A 366 -3.42 38.62 1.46
CA CYS A 366 -4.21 38.55 2.71
C CYS A 366 -5.38 37.55 2.66
N ASP A 367 -5.91 37.26 1.48
CA ASP A 367 -6.98 36.26 1.29
C ASP A 367 -6.54 34.77 1.18
N LEU A 368 -5.25 34.50 1.01
CA LEU A 368 -4.80 33.12 0.74
C LEU A 368 -5.00 32.19 1.94
N PRO A 369 -5.77 31.09 1.75
CA PRO A 369 -5.95 30.14 2.86
C PRO A 369 -4.68 29.32 3.16
N ARG A 370 -4.62 28.74 4.36
CA ARG A 370 -3.44 28.01 4.84
C ARG A 370 -2.96 26.95 3.88
N MET A 371 -3.90 26.21 3.32
CA MET A 371 -3.60 25.10 2.41
C MET A 371 -3.78 25.54 0.97
N ALA A 372 -3.48 26.80 0.68
CA ALA A 372 -3.60 27.34 -0.67
C ALA A 372 -2.56 26.66 -1.53
N ARG A 373 -2.99 26.28 -2.71
CA ARG A 373 -2.24 25.40 -3.55
C ARG A 373 -2.18 25.98 -4.95
N LEU A 374 -0.97 26.30 -5.39
CA LEU A 374 -0.75 26.84 -6.71
C LEU A 374 -0.46 25.69 -7.63
N CYS A 375 -1.21 25.62 -8.73
CA CYS A 375 -1.20 24.48 -9.65
C CYS A 375 -0.87 24.92 -11.06
N PHE A 376 0.08 24.23 -11.67
CA PHE A 376 0.52 24.50 -13.04
C PHE A 376 0.21 23.33 -13.96
N ALA A 377 0.03 23.62 -15.25
CA ALA A 377 -0.01 22.58 -16.29
C ALA A 377 0.58 23.14 -17.58
N LEU A 378 1.50 22.39 -18.18
CA LEU A 378 2.16 22.78 -19.43
C LEU A 378 1.43 22.12 -20.58
N TYR A 379 1.04 22.93 -21.56
CA TYR A 379 0.24 22.50 -22.70
C TYR A 379 1.00 22.74 -23.99
N ALA A 380 0.74 21.90 -24.99
CA ALA A 380 1.21 22.11 -26.36
C ALA A 380 0.01 22.40 -27.24
N VAL A 381 -0.14 23.65 -27.64
CA VAL A 381 -1.25 24.10 -28.49
C VAL A 381 -0.75 24.51 -29.87
N ILE A 382 -1.57 24.24 -30.89
CA ILE A 382 -1.27 24.63 -32.26
C ILE A 382 -1.78 26.05 -32.56
N GLU A 383 -0.89 27.03 -32.41
CA GLU A 383 -1.20 28.46 -32.68
C GLU A 383 -2.68 28.82 -32.61
N ASP A 399 -5.65 20.00 -28.24
CA ASP A 399 -4.74 20.64 -27.28
C ASP A 399 -4.13 19.61 -26.33
N CYS A 400 -2.80 19.42 -26.45
CA CYS A 400 -2.08 18.39 -25.70
C CYS A 400 -1.66 18.88 -24.32
N PRO A 401 -2.17 18.24 -23.24
CA PRO A 401 -1.59 18.48 -21.91
C PRO A 401 -0.29 17.68 -21.76
N ILE A 402 0.84 18.38 -21.56
CA ILE A 402 2.16 17.75 -21.48
C ILE A 402 2.40 17.18 -20.10
N ALA A 403 2.34 18.07 -19.11
CA ALA A 403 2.70 17.73 -17.75
C ALA A 403 2.17 18.76 -16.79
N TRP A 404 2.16 18.41 -15.51
CA TRP A 404 1.60 19.24 -14.43
C TRP A 404 2.49 19.23 -13.18
N ALA A 405 2.22 20.17 -12.29
CA ALA A 405 2.92 20.24 -11.02
C ALA A 405 2.23 21.25 -10.11
N ASN A 406 2.16 20.92 -8.83
CA ASN A 406 1.49 21.73 -7.84
C ASN A 406 2.43 22.09 -6.73
N LEU A 407 2.08 23.17 -6.07
CA LEU A 407 2.93 23.78 -5.09
C LEU A 407 2.09 24.45 -4.03
N MET A 408 2.39 24.17 -2.76
CA MET A 408 1.80 24.86 -1.62
C MET A 408 2.46 26.23 -1.52
N LEU A 409 1.65 27.25 -1.21
CA LEU A 409 2.15 28.63 -1.09
C LEU A 409 2.80 28.88 0.26
N PHE A 410 2.22 28.30 1.31
CA PHE A 410 2.84 28.30 2.64
C PHE A 410 3.61 26.99 2.85
N ASP A 411 4.70 27.05 3.61
CA ASP A 411 5.51 25.88 3.85
C ASP A 411 5.05 25.16 5.13
N TYR A 412 5.75 24.10 5.49
CA TYR A 412 5.43 23.28 6.65
C TYR A 412 5.48 23.98 8.02
N LYS A 413 6.25 25.07 8.13
CA LYS A 413 6.27 25.88 9.35
C LYS A 413 5.31 27.10 9.32
N ASP A 414 4.38 27.09 8.34
CA ASP A 414 3.39 28.17 8.14
C ASP A 414 3.93 29.43 7.43
N GLN A 415 5.20 29.42 6.99
CA GLN A 415 5.79 30.58 6.34
C GLN A 415 5.37 30.72 4.88
N LEU A 416 4.92 31.91 4.51
CA LEU A 416 4.60 32.22 3.11
C LEU A 416 5.89 32.15 2.31
N LYS A 417 5.89 31.34 1.25
CA LYS A 417 7.11 31.10 0.51
C LYS A 417 7.50 32.33 -0.30
N THR A 418 8.82 32.52 -0.46
CA THR A 418 9.34 33.55 -1.34
C THR A 418 10.52 32.98 -2.11
N GLY A 419 10.89 33.67 -3.17
CA GLY A 419 12.07 33.31 -3.96
C GLY A 419 11.83 32.27 -5.04
N GLU A 420 12.93 31.83 -5.65
CA GLU A 420 12.89 30.86 -6.75
C GLU A 420 12.45 29.49 -6.28
N ARG A 421 11.96 28.72 -7.26
CA ARG A 421 11.50 27.37 -7.04
C ARG A 421 11.55 26.63 -8.38
N CYS A 422 12.07 25.41 -8.36
CA CYS A 422 12.20 24.58 -9.56
C CYS A 422 11.28 23.36 -9.38
N LEU A 423 10.13 23.40 -10.04
CA LEU A 423 9.10 22.35 -9.94
C LEU A 423 9.34 21.33 -11.04
N TYR A 424 9.82 20.15 -10.65
CA TYR A 424 9.98 19.05 -11.58
C TYR A 424 8.60 18.43 -11.80
N MET A 425 8.14 18.44 -13.05
CA MET A 425 6.76 18.10 -13.40
C MET A 425 6.50 16.61 -13.57
N TRP A 426 5.22 16.26 -13.44
CA TRP A 426 4.69 14.92 -13.67
C TRP A 426 3.89 14.93 -14.99
N PRO A 427 4.02 13.88 -15.82
CA PRO A 427 3.28 13.87 -17.09
C PRO A 427 1.78 13.68 -16.94
N SER A 428 1.03 14.37 -17.79
CA SER A 428 -0.39 14.40 -17.69
C SER A 428 -0.93 13.15 -18.36
N VAL A 429 -1.84 12.48 -17.66
CA VAL A 429 -2.50 11.29 -18.18
C VAL A 429 -3.80 11.82 -18.82
N PRO A 430 -4.06 11.45 -20.09
CA PRO A 430 -5.33 11.82 -20.69
C PRO A 430 -6.44 10.91 -20.17
N ASP A 431 -7.42 11.50 -19.49
CA ASP A 431 -8.55 10.78 -18.91
C ASP A 431 -9.88 11.38 -19.38
N GLU A 432 -10.99 10.76 -18.96
CA GLU A 432 -12.37 11.17 -19.33
C GLU A 432 -12.69 12.62 -18.92
N LYS A 433 -12.48 12.95 -17.65
CA LYS A 433 -12.74 14.30 -17.09
C LYS A 433 -12.08 15.44 -17.89
N GLY A 434 -10.78 15.30 -18.17
CA GLY A 434 -10.05 16.19 -19.08
C GLY A 434 -9.92 17.64 -18.64
N GLU A 435 -9.70 17.85 -17.35
CA GLU A 435 -9.65 19.20 -16.77
C GLU A 435 -8.38 19.96 -17.21
N LEU A 436 -8.45 21.27 -17.08
CA LEU A 436 -7.35 22.18 -17.45
C LEU A 436 -6.12 21.90 -16.59
N LEU A 437 -6.33 21.96 -15.28
CA LEU A 437 -5.30 21.79 -14.28
C LEU A 437 -5.55 20.46 -13.56
N ASN A 438 -4.71 20.14 -12.59
CA ASN A 438 -4.82 18.90 -11.82
C ASN A 438 -4.59 19.21 -10.32
N PRO A 439 -5.58 19.86 -9.69
CA PRO A 439 -5.39 20.25 -8.28
C PRO A 439 -5.32 19.07 -7.30
N THR A 440 -5.92 17.94 -7.63
CA THR A 440 -5.92 16.76 -6.73
C THR A 440 -4.52 16.13 -6.64
N GLY A 441 -3.72 16.31 -7.69
CA GLY A 441 -2.36 15.79 -7.72
C GLY A 441 -1.50 16.16 -6.52
N THR A 442 -0.49 15.34 -6.28
CA THR A 442 0.37 15.54 -5.14
C THR A 442 1.20 16.84 -5.27
N VAL A 443 1.60 17.38 -4.13
CA VAL A 443 2.49 18.55 -4.01
C VAL A 443 4.00 18.19 -4.07
N ARG A 444 4.31 16.94 -3.82
CA ARG A 444 5.69 16.48 -3.85
C ARG A 444 6.22 16.58 -5.27
N SER A 445 7.48 16.95 -5.38
CA SER A 445 8.12 17.08 -6.67
C SER A 445 8.49 15.70 -7.22
N ASN A 446 8.60 15.61 -8.53
CA ASN A 446 9.00 14.38 -9.18
C ASN A 446 10.43 14.08 -8.75
N PRO A 447 10.70 12.83 -8.32
CA PRO A 447 12.07 12.50 -7.88
C PRO A 447 13.08 12.21 -9.01
N ASN A 448 12.59 11.99 -10.23
CA ASN A 448 13.43 11.87 -11.42
C ASN A 448 13.95 13.27 -11.84
N THR A 449 14.78 13.86 -10.98
CA THR A 449 15.26 15.23 -11.19
C THR A 449 16.16 15.38 -12.41
N ASP A 450 16.84 14.30 -12.81
CA ASP A 450 17.81 14.34 -13.91
C ASP A 450 17.20 14.33 -15.33
N SER A 451 16.09 13.60 -15.51
CA SER A 451 15.40 13.48 -16.81
C SER A 451 14.05 14.22 -16.97
N ALA A 452 13.34 14.49 -15.87
CA ALA A 452 11.98 15.03 -15.93
C ALA A 452 11.89 16.48 -16.36
N ALA A 453 10.87 16.81 -17.15
CA ALA A 453 10.54 18.19 -17.47
C ALA A 453 10.30 19.02 -16.22
N ALA A 454 10.57 20.32 -16.31
CA ALA A 454 10.43 21.20 -15.16
C ALA A 454 10.14 22.64 -15.55
N LEU A 455 9.60 23.37 -14.59
CA LEU A 455 9.34 24.79 -14.71
C LEU A 455 10.06 25.46 -13.57
N LEU A 456 10.81 26.50 -13.91
CA LEU A 456 11.45 27.40 -12.96
C LEU A 456 10.55 28.62 -12.78
N ILE A 457 10.18 28.86 -11.53
CA ILE A 457 9.31 29.97 -11.16
C ILE A 457 9.94 30.70 -10.01
N CYS A 458 9.42 31.90 -9.73
CA CYS A 458 9.92 32.73 -8.65
C CYS A 458 8.78 33.47 -7.95
N LEU A 459 8.54 33.11 -6.69
CA LEU A 459 7.61 33.81 -5.83
C LEU A 459 8.29 35.12 -5.40
N PRO A 460 7.59 36.25 -5.54
CA PRO A 460 8.22 37.53 -5.25
C PRO A 460 8.34 37.81 -3.75
N GLU A 461 9.19 38.77 -3.42
CA GLU A 461 9.36 39.25 -2.05
C GLU A 461 8.13 40.10 -1.71
N VAL A 462 7.42 39.69 -0.66
CA VAL A 462 6.21 40.39 -0.20
C VAL A 462 6.51 41.50 0.81
N ALA A 463 7.54 41.26 1.63
CA ALA A 463 7.86 42.13 2.77
C ALA A 463 9.34 41.93 3.18
N PRO A 464 9.97 42.98 3.77
CA PRO A 464 11.40 42.89 4.20
C PRO A 464 11.66 41.81 5.26
N HIS A 465 10.68 41.56 6.12
CA HIS A 465 10.69 40.45 7.08
C HIS A 465 9.91 39.24 6.53
N PRO A 466 10.18 38.02 7.05
CA PRO A 466 9.39 36.85 6.65
C PRO A 466 8.00 36.85 7.28
N VAL A 467 6.99 36.42 6.52
CA VAL A 467 5.58 36.48 6.93
C VAL A 467 5.00 35.07 7.08
N TYR A 468 4.38 34.80 8.23
CA TYR A 468 3.71 33.53 8.52
C TYR A 468 2.20 33.65 8.40
N TYR A 469 1.54 32.51 8.22
CA TYR A 469 0.09 32.44 8.30
C TYR A 469 -0.28 32.64 9.79
N PRO A 470 -1.30 33.47 10.09
CA PRO A 470 -1.55 33.82 11.50
C PRO A 470 -1.79 32.63 12.42
N ALA A 471 -1.35 32.76 13.66
CA ALA A 471 -1.52 31.73 14.68
C ALA A 471 -3.00 31.62 15.07
N LEU A 472 -3.35 30.45 15.63
CA LEU A 472 -4.71 30.13 16.11
C LEU A 472 -5.36 31.20 16.97
N GLU A 473 -4.58 31.79 17.87
CA GLU A 473 -5.06 32.86 18.75
C GLU A 473 -5.57 34.05 17.93
N LYS A 474 -4.86 34.38 16.85
CA LYS A 474 -5.24 35.45 15.94
C LYS A 474 -6.46 35.08 15.08
N ILE A 475 -6.56 33.81 14.70
CA ILE A 475 -7.75 33.29 14.00
C ILE A 475 -9.02 33.40 14.86
N LEU A 476 -8.93 32.99 16.11
CA LEU A 476 -10.07 33.03 17.04
C LEU A 476 -10.45 34.44 17.49
N GLU A 477 -9.50 35.37 17.39
CA GLU A 477 -9.78 36.78 17.65
C GLU A 477 -10.64 37.33 16.51
N LEU A 478 -10.13 37.22 15.28
CA LEU A 478 -10.86 37.68 14.08
C LEU A 478 -12.17 36.93 13.87
N GLY A 479 -12.16 35.62 14.13
CA GLY A 479 -13.35 34.78 14.00
C GLY A 479 -14.44 34.94 15.06
N ARG A 480 -14.12 35.63 16.16
CA ARG A 480 -15.07 35.80 17.29
C ARG A 480 -16.26 36.70 16.94
N HIS A 481 -15.96 37.91 16.46
CA HIS A 481 -16.89 39.05 16.43
C HIS A 481 -18.34 38.76 16.01
N SER A 482 -18.51 38.22 14.81
CA SER A 482 -19.83 37.93 14.26
C SER A 482 -20.31 36.55 14.72
N GLU A 489 -38.47 29.08 13.75
CA GLU A 489 -39.66 29.14 12.91
C GLU A 489 -39.32 29.44 11.44
N GLU A 490 -39.09 30.72 11.11
CA GLU A 490 -39.00 31.18 9.72
C GLU A 490 -37.80 30.64 8.95
N GLU A 491 -36.60 31.10 9.31
CA GLU A 491 -35.36 30.71 8.62
C GLU A 491 -35.03 29.22 8.80
N GLN A 492 -35.44 28.64 9.93
CA GLN A 492 -35.21 27.23 10.24
C GLN A 492 -35.85 26.26 9.25
N LEU A 493 -36.97 26.65 8.63
CA LEU A 493 -37.66 25.84 7.63
C LEU A 493 -36.78 25.54 6.41
N GLN A 494 -36.26 26.59 5.77
CA GLN A 494 -35.40 26.46 4.57
C GLN A 494 -34.16 25.61 4.85
N LEU A 495 -33.57 25.81 6.02
CA LEU A 495 -32.33 25.10 6.41
C LEU A 495 -32.58 23.62 6.68
N ARG A 496 -33.63 23.31 7.45
CA ARG A 496 -34.11 21.93 7.65
C ARG A 496 -34.15 21.17 6.33
N GLU A 497 -34.94 21.68 5.39
CA GLU A 497 -35.14 21.07 4.05
C GLU A 497 -33.81 20.78 3.39
N ILE A 498 -32.98 21.82 3.32
CA ILE A 498 -31.64 21.73 2.71
C ILE A 498 -30.81 20.59 3.30
N LEU A 499 -30.77 20.50 4.63
CA LEU A 499 -29.90 19.52 5.33
C LEU A 499 -30.57 18.18 5.61
N GLU A 500 -31.68 18.23 6.34
CA GLU A 500 -32.46 17.05 6.71
C GLU A 500 -33.02 16.42 5.44
N ARG A 501 -32.69 15.16 5.21
CA ARG A 501 -33.10 14.43 4.00
C ARG A 501 -32.43 13.06 3.95
N GLU A 506 -24.87 18.11 -3.87
CA GLU A 506 -24.44 19.38 -4.44
C GLU A 506 -25.49 20.49 -4.23
N LEU A 507 -25.14 21.48 -3.40
CA LEU A 507 -26.01 22.63 -3.14
C LEU A 507 -25.86 23.72 -4.20
N TYR A 508 -26.80 24.67 -4.18
CA TYR A 508 -26.88 25.77 -5.15
C TYR A 508 -26.70 27.13 -4.49
N GLU A 509 -26.25 28.11 -5.29
CA GLU A 509 -25.76 29.41 -4.77
C GLU A 509 -26.64 30.03 -3.70
N HIS A 510 -27.94 29.98 -3.95
CA HIS A 510 -28.98 30.47 -3.01
C HIS A 510 -28.91 29.73 -1.67
N GLU A 511 -28.80 28.41 -1.74
CA GLU A 511 -28.76 27.52 -0.58
C GLU A 511 -27.47 27.73 0.24
N LYS A 512 -26.34 27.85 -0.47
CA LYS A 512 -25.03 28.03 0.15
C LYS A 512 -24.96 29.27 1.05
N ASP A 513 -25.42 30.40 0.55
CA ASP A 513 -25.47 31.66 1.32
C ASP A 513 -26.40 31.63 2.53
N LEU A 514 -27.42 30.78 2.48
CA LEU A 514 -28.31 30.58 3.62
C LEU A 514 -27.60 29.82 4.72
N VAL A 515 -26.96 28.73 4.31
CA VAL A 515 -26.18 27.89 5.23
C VAL A 515 -25.08 28.72 5.92
N TRP A 516 -24.49 29.65 5.16
CA TRP A 516 -23.43 30.53 5.67
C TRP A 516 -24.00 31.51 6.68
N LYS A 517 -25.08 32.18 6.31
CA LYS A 517 -25.83 33.02 7.24
C LYS A 517 -26.21 32.25 8.51
N LEU A 518 -26.79 31.05 8.35
CA LEU A 518 -27.25 30.24 9.49
C LEU A 518 -26.22 29.22 9.96
N ARG A 519 -24.93 29.54 9.79
CA ARG A 519 -23.83 28.64 10.14
C ARG A 519 -23.79 28.31 11.64
N HIS A 520 -24.14 29.30 12.48
CA HIS A 520 -24.26 29.05 13.91
C HIS A 520 -25.41 28.09 14.26
N GLU A 521 -26.53 28.21 13.51
CA GLU A 521 -27.66 27.27 13.65
C GLU A 521 -27.29 25.83 13.23
N VAL A 522 -26.43 25.69 12.22
CA VAL A 522 -25.90 24.38 11.80
C VAL A 522 -25.10 23.74 12.94
N GLN A 523 -24.28 24.53 13.61
CA GLN A 523 -23.44 24.01 14.70
C GLN A 523 -24.25 23.57 15.91
N GLU A 524 -25.31 24.32 16.20
CA GLU A 524 -26.20 24.08 17.33
C GLU A 524 -27.15 22.89 17.12
N HIS A 525 -27.80 22.84 15.96
CA HIS A 525 -28.88 21.89 15.68
C HIS A 525 -28.62 20.84 14.60
N PHE A 526 -27.58 21.01 13.79
CA PHE A 526 -27.22 20.02 12.74
C PHE A 526 -25.72 19.73 12.71
N PRO A 527 -25.15 19.37 13.87
CA PRO A 527 -23.70 19.14 13.96
C PRO A 527 -23.12 18.14 12.92
N GLU A 528 -23.91 17.13 12.56
CA GLU A 528 -23.56 16.17 11.50
C GLU A 528 -23.45 16.75 10.08
N ALA A 529 -23.95 17.97 9.87
CA ALA A 529 -23.76 18.67 8.62
C ALA A 529 -22.45 19.49 8.44
N LEU A 530 -21.51 19.41 9.38
CA LEU A 530 -20.22 20.14 9.27
C LEU A 530 -19.64 20.11 7.85
N ALA A 531 -19.63 18.93 7.24
CA ALA A 531 -19.06 18.77 5.92
C ALA A 531 -19.72 19.71 4.91
N ARG A 532 -21.04 19.84 5.01
CA ARG A 532 -21.79 20.70 4.09
C ARG A 532 -21.41 22.14 4.31
N LEU A 533 -21.38 22.55 5.56
CA LEU A 533 -20.99 23.90 5.93
C LEU A 533 -19.55 24.28 5.52
N LEU A 534 -18.63 23.32 5.60
CA LEU A 534 -17.25 23.55 5.12
C LEU A 534 -17.15 23.79 3.61
N LEU A 535 -17.98 23.10 2.84
CA LEU A 535 -18.02 23.25 1.38
C LEU A 535 -18.67 24.55 0.93
N VAL A 536 -19.58 25.08 1.72
CA VAL A 536 -20.19 26.38 1.40
C VAL A 536 -19.23 27.54 1.72
N THR A 537 -18.43 27.40 2.76
CA THR A 537 -17.45 28.43 3.16
C THR A 537 -16.60 28.90 1.96
N LYS A 538 -16.42 30.21 1.85
CA LYS A 538 -15.65 30.82 0.76
C LYS A 538 -14.19 30.94 1.20
N TRP A 539 -13.40 29.93 0.85
CA TRP A 539 -12.00 29.81 1.32
C TRP A 539 -11.01 30.82 0.69
N ASN A 540 -11.49 31.60 -0.28
CA ASN A 540 -10.75 32.74 -0.85
C ASN A 540 -11.00 34.11 -0.18
N LYS A 541 -11.58 34.11 1.02
CA LYS A 541 -11.78 35.33 1.81
C LYS A 541 -11.37 35.04 3.24
N HIS A 542 -10.33 35.74 3.74
CA HIS A 542 -9.74 35.41 5.05
C HIS A 542 -10.66 35.67 6.26
N GLU A 543 -11.55 36.66 6.13
CA GLU A 543 -12.60 36.90 7.13
C GLU A 543 -13.49 35.63 7.35
N ASP A 544 -13.99 35.07 6.25
CA ASP A 544 -14.90 33.91 6.30
C ASP A 544 -14.20 32.69 6.90
N VAL A 545 -13.00 32.43 6.39
CA VAL A 545 -12.14 31.36 6.87
C VAL A 545 -11.96 31.43 8.40
N ALA A 546 -11.66 32.62 8.92
CA ALA A 546 -11.54 32.80 10.37
C ALA A 546 -12.83 32.47 11.12
N GLN A 547 -13.98 32.88 10.56
CA GLN A 547 -15.28 32.62 11.16
C GLN A 547 -15.61 31.12 11.16
N MET A 548 -15.35 30.44 10.06
CA MET A 548 -15.55 28.99 10.00
C MET A 548 -14.67 28.23 10.97
N LEU A 549 -13.39 28.59 11.00
CA LEU A 549 -12.44 27.99 11.93
C LEU A 549 -12.82 28.26 13.41
N TYR A 550 -13.39 29.42 13.70
CA TYR A 550 -13.92 29.73 15.05
C TYR A 550 -14.96 28.69 15.50
N LEU A 551 -15.91 28.40 14.63
CA LEU A 551 -16.96 27.40 14.90
C LEU A 551 -16.38 26.03 15.04
N LEU A 552 -15.47 25.70 14.13
CA LEU A 552 -14.82 24.38 14.08
C LEU A 552 -14.10 23.97 15.37
N CYS A 553 -13.50 24.95 16.03
CA CYS A 553 -12.79 24.74 17.30
C CYS A 553 -13.74 24.45 18.48
N SER A 554 -14.95 24.99 18.44
CA SER A 554 -15.99 24.65 19.41
C SER A 554 -16.92 23.48 18.98
N TRP A 555 -16.74 22.95 17.78
CA TRP A 555 -17.67 21.99 17.20
C TRP A 555 -17.71 20.69 18.02
N PRO A 556 -18.90 20.08 18.22
CA PRO A 556 -18.97 18.84 19.00
C PRO A 556 -18.37 17.64 18.28
N GLU A 557 -17.85 16.69 19.04
CA GLU A 557 -17.25 15.49 18.47
C GLU A 557 -18.31 14.75 17.62
N LEU A 558 -17.93 14.45 16.38
CA LEU A 558 -18.79 13.75 15.42
C LEU A 558 -18.44 12.25 15.42
N PRO A 559 -19.38 11.39 14.98
CA PRO A 559 -19.07 9.95 15.02
C PRO A 559 -18.06 9.51 13.98
N VAL A 560 -17.52 8.32 14.16
CA VAL A 560 -16.55 7.72 13.22
C VAL A 560 -16.94 7.95 11.76
N LEU A 561 -18.16 7.59 11.43
CA LEU A 561 -18.68 7.69 10.07
C LEU A 561 -18.55 9.10 9.46
N SER A 562 -18.84 10.11 10.26
CA SER A 562 -18.67 11.52 9.82
C SER A 562 -17.20 11.86 9.61
N ALA A 563 -16.40 11.53 10.62
CA ALA A 563 -14.95 11.75 10.54
C ALA A 563 -14.31 11.16 9.27
N LEU A 564 -14.75 9.97 8.88
CA LEU A 564 -14.26 9.34 7.64
C LEU A 564 -14.53 10.19 6.39
N GLU A 565 -15.70 10.81 6.33
CA GLU A 565 -16.02 11.72 5.25
C GLU A 565 -15.06 12.90 5.20
N LEU A 566 -14.72 13.42 6.38
CA LEU A 566 -13.94 14.64 6.49
C LEU A 566 -12.48 14.46 6.12
N LEU A 567 -12.00 13.22 6.03
CA LEU A 567 -10.66 12.92 5.53
C LEU A 567 -10.52 13.01 4.00
N ASP A 568 -11.63 13.22 3.31
CA ASP A 568 -11.63 13.36 1.86
C ASP A 568 -10.86 14.61 1.42
N PHE A 569 -10.36 14.60 0.19
CA PHE A 569 -9.56 15.69 -0.35
C PHE A 569 -10.31 17.03 -0.51
N SER A 570 -11.64 16.99 -0.52
CA SER A 570 -12.47 18.22 -0.51
C SER A 570 -12.25 19.12 0.73
N PHE A 571 -11.74 18.54 1.81
CA PHE A 571 -11.52 19.19 3.08
C PHE A 571 -10.02 19.26 3.43
N PRO A 572 -9.26 20.10 2.71
CA PRO A 572 -7.81 20.15 2.91
C PRO A 572 -7.32 20.85 4.17
N ASP A 573 -8.10 21.78 4.72
CA ASP A 573 -7.64 22.54 5.87
C ASP A 573 -7.18 21.66 7.04
N CYS A 574 -6.02 21.99 7.59
CA CYS A 574 -5.35 21.20 8.62
C CYS A 574 -6.16 21.09 9.92
N HIS A 575 -6.92 22.14 10.25
CA HIS A 575 -7.86 22.09 11.38
C HIS A 575 -8.98 21.06 11.19
N VAL A 576 -9.41 20.88 9.94
CA VAL A 576 -10.43 19.89 9.61
C VAL A 576 -9.91 18.48 9.82
N GLY A 577 -8.75 18.20 9.21
CA GLY A 577 -8.03 16.91 9.38
C GLY A 577 -7.84 16.62 10.85
N SER A 578 -7.47 17.64 11.61
CA SER A 578 -7.24 17.52 13.03
C SER A 578 -8.52 17.14 13.78
N PHE A 579 -9.63 17.81 13.46
CA PHE A 579 -10.96 17.45 14.00
C PHE A 579 -11.42 16.03 13.62
N ALA A 580 -11.18 15.64 12.37
CA ALA A 580 -11.50 14.28 11.90
C ALA A 580 -10.80 13.21 12.73
N ILE A 581 -9.47 13.27 12.77
CA ILE A 581 -8.61 12.31 13.49
C ILE A 581 -8.98 12.29 14.96
N LYS A 582 -9.25 13.44 15.53
CA LYS A 582 -9.71 13.57 16.91
C LYS A 582 -10.99 12.74 17.17
N SER A 583 -11.88 12.71 16.18
CA SER A 583 -13.04 11.78 16.19
C SER A 583 -12.72 10.32 15.85
N LEU A 584 -11.69 10.07 15.06
CA LEU A 584 -11.22 8.69 14.84
C LEU A 584 -10.45 8.04 15.98
N ARG A 585 -10.07 8.79 17.01
CA ARG A 585 -9.32 8.23 18.17
C ARG A 585 -10.12 7.31 19.07
N LYS A 586 -11.45 7.40 19.02
CA LYS A 586 -12.28 6.44 19.78
C LYS A 586 -12.35 5.05 19.13
N LEU A 587 -11.77 4.90 17.95
CA LEU A 587 -11.67 3.60 17.31
C LEU A 587 -10.98 2.56 18.14
N THR A 588 -11.61 1.38 18.25
CA THR A 588 -10.96 0.16 18.71
C THR A 588 -10.02 -0.32 17.62
N ASP A 589 -9.02 -1.11 18.02
CA ASP A 589 -8.04 -1.68 17.08
C ASP A 589 -8.72 -2.54 16.01
N ASP A 590 -9.75 -3.31 16.38
CA ASP A 590 -10.48 -4.16 15.42
C ASP A 590 -11.15 -3.36 14.32
N GLU A 591 -11.84 -2.29 14.68
CA GLU A 591 -12.54 -1.47 13.72
C GLU A 591 -11.59 -0.66 12.89
N LEU A 592 -10.61 -0.04 13.56
CA LEU A 592 -9.55 0.71 12.86
C LEU A 592 -8.91 -0.15 11.80
N PHE A 593 -8.68 -1.42 12.12
CA PHE A 593 -8.15 -2.39 11.17
C PHE A 593 -8.98 -2.55 9.89
N GLN A 594 -10.30 -2.48 10.03
CA GLN A 594 -11.21 -2.53 8.86
C GLN A 594 -10.97 -1.40 7.87
N TYR A 595 -10.54 -0.24 8.37
CA TYR A 595 -10.35 0.93 7.52
C TYR A 595 -8.90 1.26 7.25
N LEU A 596 -7.96 0.41 7.67
CA LEU A 596 -6.51 0.73 7.59
C LEU A 596 -6.06 1.08 6.18
N LEU A 597 -6.46 0.27 5.22
CA LEU A 597 -6.13 0.50 3.81
C LEU A 597 -6.57 1.85 3.28
N GLN A 598 -7.72 2.36 3.74
CA GLN A 598 -8.24 3.65 3.25
C GLN A 598 -7.48 4.81 3.86
N LEU A 599 -7.23 4.70 5.16
CA LEU A 599 -6.49 5.69 5.92
C LEU A 599 -5.08 5.92 5.34
N VAL A 600 -4.42 4.84 4.95
CA VAL A 600 -3.16 4.88 4.24
C VAL A 600 -3.25 5.58 2.88
N GLN A 601 -4.30 5.35 2.12
CA GLN A 601 -4.41 6.00 0.79
C GLN A 601 -4.66 7.53 0.91
N VAL A 602 -5.31 7.94 1.98
CA VAL A 602 -5.53 9.37 2.31
C VAL A 602 -4.20 10.13 2.55
N LEU A 603 -3.14 9.44 2.97
CA LEU A 603 -1.81 10.05 3.07
C LEU A 603 -1.33 10.68 1.75
N LYS A 604 -1.77 10.14 0.63
CA LYS A 604 -1.47 10.68 -0.70
C LYS A 604 -2.15 12.02 -1.03
N TYR A 605 -3.00 12.51 -0.13
CA TYR A 605 -3.66 13.80 -0.24
C TYR A 605 -3.04 14.85 0.65
N GLU A 606 -2.22 14.42 1.60
CA GLU A 606 -1.59 15.33 2.53
C GLU A 606 -0.63 16.30 1.81
N SER A 607 -0.52 17.51 2.36
CA SER A 607 0.40 18.52 1.84
C SER A 607 1.82 18.40 2.40
N TYR A 608 1.91 18.12 3.71
CA TYR A 608 3.14 18.09 4.46
C TYR A 608 3.43 16.71 4.94
N LEU A 609 4.71 16.43 5.19
CA LEU A 609 5.12 15.12 5.70
C LEU A 609 4.66 14.93 7.13
N ASP A 610 5.01 15.86 8.01
CA ASP A 610 4.52 15.82 9.39
C ASP A 610 3.03 16.22 9.38
N CYS A 611 2.15 15.25 9.55
CA CYS A 611 0.71 15.51 9.68
C CYS A 611 0.11 14.71 10.83
N GLU A 612 -1.13 15.05 11.17
CA GLU A 612 -1.89 14.36 12.21
C GLU A 612 -2.19 12.90 11.89
N LEU A 613 -2.61 12.64 10.66
CA LEU A 613 -2.94 11.29 10.25
C LEU A 613 -1.74 10.33 10.39
N THR A 614 -0.56 10.77 9.98
CA THR A 614 0.67 9.95 10.14
C THR A 614 0.97 9.68 11.61
N LYS A 615 0.89 10.70 12.42
CA LYS A 615 1.06 10.50 13.85
C LYS A 615 0.08 9.47 14.44
N PHE A 616 -1.19 9.59 14.06
CA PHE A 616 -2.27 8.68 14.51
C PHE A 616 -1.94 7.25 14.12
N LEU A 617 -1.62 7.04 12.84
CA LEU A 617 -1.25 5.73 12.32
C LEU A 617 -0.03 5.12 13.01
N LEU A 618 1.00 5.94 13.25
CA LEU A 618 2.20 5.44 13.93
C LEU A 618 1.85 5.11 15.37
N ASP A 619 1.08 5.98 16.03
CA ASP A 619 0.62 5.70 17.41
C ASP A 619 -0.01 4.30 17.50
N ARG A 620 -0.98 4.03 16.62
CA ARG A 620 -1.73 2.76 16.68
C ARG A 620 -0.82 1.60 16.26
N ALA A 621 0.01 1.82 15.25
CA ALA A 621 1.05 0.84 14.86
C ALA A 621 2.03 0.46 16.00
N LEU A 622 2.32 1.41 16.88
CA LEU A 622 3.23 1.17 18.02
C LEU A 622 2.56 0.50 19.21
N ALA A 623 1.27 0.76 19.40
CA ALA A 623 0.53 0.11 20.46
C ALA A 623 0.01 -1.30 20.06
N ASN A 624 -0.11 -1.58 18.77
CA ASN A 624 -0.69 -2.84 18.29
C ASN A 624 0.16 -3.41 17.17
N ARG A 625 0.77 -4.56 17.43
CA ARG A 625 1.72 -5.17 16.45
C ARG A 625 1.02 -5.70 15.18
N LYS A 626 -0.24 -6.10 15.26
CA LYS A 626 -1.01 -6.48 14.06
C LYS A 626 -1.20 -5.28 13.12
N ILE A 627 -1.64 -4.16 13.68
CA ILE A 627 -1.76 -2.89 12.95
C ILE A 627 -0.44 -2.47 12.31
N GLY A 628 0.64 -2.58 13.10
CA GLY A 628 1.97 -2.24 12.59
C GLY A 628 2.37 -3.14 11.45
N HIS A 629 2.11 -4.44 11.59
CA HIS A 629 2.39 -5.40 10.51
C HIS A 629 1.78 -4.94 9.19
N PHE A 630 0.48 -4.68 9.21
CA PHE A 630 -0.23 -4.38 7.98
C PHE A 630 -0.02 -2.95 7.51
N LEU A 631 0.09 -2.01 8.44
CA LEU A 631 0.60 -0.70 8.07
C LEU A 631 1.92 -0.85 7.27
N PHE A 632 2.84 -1.66 7.79
CA PHE A 632 4.13 -1.83 7.13
C PHE A 632 3.94 -2.24 5.68
N TRP A 633 3.20 -3.34 5.47
CA TRP A 633 3.02 -3.89 4.12
C TRP A 633 2.23 -3.02 3.16
N HIS A 634 1.23 -2.28 3.66
CA HIS A 634 0.56 -1.30 2.79
C HIS A 634 1.53 -0.26 2.26
N LEU A 635 2.42 0.25 3.12
CA LEU A 635 3.41 1.27 2.71
C LEU A 635 4.52 0.63 1.88
N ARG A 636 5.06 -0.50 2.33
CA ARG A 636 6.11 -1.20 1.62
C ARG A 636 5.71 -1.56 0.18
N SER A 637 4.45 -1.98 -0.01
CA SER A 637 3.97 -2.41 -1.34
C SER A 637 3.88 -1.30 -2.38
N GLU A 638 4.00 -0.05 -1.94
CA GLU A 638 4.00 1.09 -2.85
C GLU A 638 5.30 1.90 -2.91
N MET A 639 6.38 1.36 -2.36
CA MET A 639 7.67 2.06 -2.35
C MET A 639 8.30 2.25 -3.73
N HIS A 640 7.89 1.40 -4.69
CA HIS A 640 8.21 1.56 -6.13
C HIS A 640 7.51 2.73 -6.82
N VAL A 641 6.50 3.33 -6.17
CA VAL A 641 5.68 4.39 -6.79
C VAL A 641 6.29 5.76 -6.49
N PRO A 642 6.78 6.46 -7.52
CA PRO A 642 7.53 7.69 -7.31
C PRO A 642 6.85 8.75 -6.45
N SER A 643 5.54 8.90 -6.59
CA SER A 643 4.84 9.99 -5.92
C SER A 643 4.66 9.74 -4.42
N VAL A 644 4.87 8.51 -3.95
CA VAL A 644 4.75 8.22 -2.50
C VAL A 644 6.01 7.66 -1.83
N ALA A 645 7.01 7.32 -2.60
CA ALA A 645 8.23 6.66 -2.09
C ALA A 645 8.91 7.40 -0.93
N LEU A 646 8.95 8.73 -1.03
CA LEU A 646 9.54 9.57 0.00
C LEU A 646 8.69 9.54 1.26
N ARG A 647 7.42 9.87 1.12
CA ARG A 647 6.53 9.93 2.28
C ARG A 647 6.43 8.60 2.97
N PHE A 648 6.27 7.55 2.20
CA PHE A 648 6.11 6.21 2.78
C PHE A 648 7.41 5.71 3.37
N GLY A 649 8.51 5.93 2.64
CA GLY A 649 9.86 5.66 3.15
C GLY A 649 10.09 6.18 4.55
N LEU A 650 9.74 7.44 4.76
CA LEU A 650 9.91 8.11 6.04
C LEU A 650 9.04 7.52 7.14
N ILE A 651 7.79 7.18 6.81
CA ILE A 651 6.89 6.56 7.77
C ILE A 651 7.41 5.19 8.18
N LEU A 652 7.79 4.38 7.20
CA LEU A 652 8.42 3.06 7.48
C LEU A 652 9.66 3.15 8.37
N GLU A 653 10.56 4.08 8.09
CA GLU A 653 11.77 4.29 8.91
C GLU A 653 11.40 4.50 10.37
N ALA A 654 10.48 5.43 10.59
CA ALA A 654 10.03 5.76 11.91
C ALA A 654 9.34 4.54 12.54
N TYR A 655 8.43 3.91 11.81
CA TYR A 655 7.79 2.66 12.27
C TYR A 655 8.80 1.62 12.78
N CYS A 656 9.84 1.38 11.97
CA CYS A 656 10.88 0.40 12.28
C CYS A 656 11.67 0.68 13.56
N ARG A 657 12.00 1.94 13.79
CA ARG A 657 12.69 2.35 15.02
C ARG A 657 11.90 2.13 16.31
N GLY A 658 10.58 2.25 16.22
CA GLY A 658 9.70 1.89 17.32
C GLY A 658 9.31 0.41 17.42
N SER A 659 9.87 -0.44 16.56
CA SER A 659 9.41 -1.83 16.40
C SER A 659 10.56 -2.78 16.03
N THR A 660 11.62 -2.76 16.83
CA THR A 660 12.82 -3.59 16.58
C THR A 660 12.56 -5.12 16.56
N HIS A 661 11.69 -5.62 17.43
CA HIS A 661 11.26 -7.05 17.41
C HIS A 661 10.68 -7.40 16.05
N HIS A 662 9.66 -6.65 15.64
CA HIS A 662 8.95 -6.95 14.39
C HIS A 662 9.80 -6.79 13.14
N MET A 663 10.75 -5.85 13.17
CA MET A 663 11.76 -5.73 12.13
C MET A 663 12.37 -7.07 11.79
N LYS A 664 12.69 -7.88 12.80
CA LYS A 664 13.24 -9.22 12.57
C LYS A 664 12.28 -10.06 11.76
N VAL A 665 11.04 -10.11 12.19
CA VAL A 665 10.01 -10.87 11.47
C VAL A 665 9.89 -10.39 10.03
N LEU A 666 9.81 -9.07 9.85
CA LEU A 666 9.64 -8.50 8.51
C LEU A 666 10.85 -8.72 7.59
N MET A 667 12.05 -8.76 8.18
CA MET A 667 13.27 -9.05 7.45
C MET A 667 13.15 -10.45 6.84
N LYS A 668 12.84 -11.44 7.68
CA LYS A 668 12.63 -12.82 7.21
C LYS A 668 11.61 -12.89 6.06
N GLN A 669 10.51 -12.16 6.18
CA GLN A 669 9.46 -12.17 5.18
C GLN A 669 9.96 -11.60 3.90
N GLY A 670 10.61 -10.44 3.99
CA GLY A 670 11.20 -9.76 2.84
C GLY A 670 12.18 -10.62 2.05
N GLU A 671 12.93 -11.45 2.75
CA GLU A 671 13.90 -12.35 2.13
C GLU A 671 13.21 -13.52 1.46
N ALA A 672 12.21 -14.09 2.14
CA ALA A 672 11.34 -15.11 1.54
C ALA A 672 10.77 -14.59 0.23
N LEU A 673 10.25 -13.37 0.27
CA LEU A 673 9.56 -12.79 -0.90
C LEU A 673 10.47 -12.50 -2.08
N SER A 674 11.72 -12.17 -1.79
CA SER A 674 12.73 -11.91 -2.81
C SER A 674 13.25 -13.19 -3.47
N LYS A 675 13.31 -14.27 -2.69
CA LYS A 675 13.59 -15.60 -3.25
C LYS A 675 12.44 -16.09 -4.16
N LEU A 676 11.21 -15.83 -3.74
CA LEU A 676 10.02 -16.23 -4.54
C LEU A 676 9.99 -15.49 -5.88
N LYS A 677 10.27 -14.20 -5.86
CA LYS A 677 10.42 -13.42 -7.09
C LYS A 677 11.43 -14.08 -8.02
N ALA A 678 12.60 -14.45 -7.47
CA ALA A 678 13.64 -15.12 -8.26
C ALA A 678 13.18 -16.51 -8.71
N LEU A 679 12.49 -17.21 -7.81
CA LEU A 679 11.96 -18.55 -8.11
C LEU A 679 10.95 -18.44 -9.23
N ASN A 680 10.04 -17.46 -9.12
CA ASN A 680 9.01 -17.24 -10.14
C ASN A 680 9.62 -16.88 -11.48
N ASP A 681 10.66 -16.05 -11.49
CA ASP A 681 11.34 -15.67 -12.74
C ASP A 681 12.03 -16.83 -13.42
N PHE A 682 12.61 -17.73 -12.62
CA PHE A 682 13.19 -18.98 -13.13
C PHE A 682 12.14 -19.90 -13.77
N VAL A 683 10.97 -20.00 -13.13
CA VAL A 683 9.85 -20.78 -13.67
C VAL A 683 9.37 -20.21 -15.00
N LYS A 684 9.17 -18.90 -15.07
CA LYS A 684 8.74 -18.22 -16.30
C LYS A 684 9.65 -18.51 -17.50
N LEU A 685 10.95 -18.36 -17.31
CA LEU A 685 11.95 -18.63 -18.36
C LEU A 685 11.99 -20.12 -18.77
N SER A 686 11.72 -21.00 -17.81
CA SER A 686 11.66 -22.44 -18.06
C SER A 686 10.36 -22.88 -18.76
N SER A 687 9.22 -22.33 -18.32
CA SER A 687 7.89 -22.65 -18.89
C SER A 687 7.77 -22.39 -20.39
N GLN A 688 8.37 -21.31 -20.86
CA GLN A 688 8.35 -20.95 -22.29
C GLN A 688 9.14 -21.95 -23.18
N LYS A 689 10.16 -22.58 -22.59
CA LYS A 689 10.97 -23.60 -23.29
C LYS A 689 10.43 -25.01 -23.07
N THR A 690 10.44 -25.47 -21.82
CA THR A 690 10.10 -26.86 -21.46
C THR A 690 8.69 -26.98 -20.89
N PRO A 691 8.06 -28.16 -21.02
CA PRO A 691 6.70 -28.37 -20.50
C PRO A 691 6.63 -28.50 -18.97
N LYS A 692 5.40 -28.48 -18.45
CA LYS A 692 5.13 -28.32 -17.01
C LYS A 692 5.83 -29.36 -16.10
N PRO A 693 5.69 -30.67 -16.38
CA PRO A 693 6.35 -31.67 -15.54
C PRO A 693 7.85 -31.39 -15.31
N GLN A 694 8.58 -31.15 -16.39
CA GLN A 694 10.04 -30.86 -16.34
C GLN A 694 10.35 -29.54 -15.59
N THR A 695 9.54 -28.51 -15.83
CA THR A 695 9.69 -27.20 -15.17
C THR A 695 9.39 -27.31 -13.66
N LYS A 696 8.31 -28.01 -13.33
CA LYS A 696 7.95 -28.30 -11.94
C LYS A 696 9.11 -28.92 -11.14
N GLU A 697 9.81 -29.89 -11.72
CA GLU A 697 10.97 -30.52 -11.06
C GLU A 697 12.19 -29.61 -10.96
N LEU A 698 12.35 -28.73 -11.94
CA LEU A 698 13.42 -27.73 -11.95
C LEU A 698 13.19 -26.64 -10.90
N MET A 699 11.92 -26.28 -10.72
CA MET A 699 11.48 -25.44 -9.61
C MET A 699 11.95 -26.06 -8.28
N HIS A 700 11.64 -27.34 -8.10
CA HIS A 700 11.97 -28.08 -6.88
C HIS A 700 13.47 -28.12 -6.57
N LEU A 701 14.30 -28.38 -7.59
CA LEU A 701 15.76 -28.36 -7.42
C LEU A 701 16.28 -26.97 -7.01
N CYS A 702 15.73 -25.93 -7.62
CA CYS A 702 16.10 -24.54 -7.32
C CYS A 702 15.70 -24.17 -5.88
N MET A 703 14.63 -24.80 -5.39
CA MET A 703 14.13 -24.60 -4.02
C MET A 703 14.97 -25.31 -2.96
N ARG A 704 15.52 -26.46 -3.32
CA ARG A 704 16.26 -27.33 -2.38
C ARG A 704 17.65 -26.80 -2.01
N GLN A 705 18.17 -25.83 -2.76
CA GLN A 705 19.40 -25.10 -2.41
C GLN A 705 19.33 -24.43 -1.03
N GLU A 706 20.43 -24.48 -0.29
CA GLU A 706 20.48 -24.02 1.10
C GLU A 706 19.98 -22.59 1.31
N ALA A 707 20.46 -21.66 0.48
CA ALA A 707 20.08 -20.25 0.56
C ALA A 707 18.57 -20.05 0.34
N TYR A 708 18.03 -20.75 -0.66
CA TYR A 708 16.60 -20.74 -0.97
C TYR A 708 15.77 -21.37 0.13
N LEU A 709 16.04 -22.63 0.42
CA LEU A 709 15.26 -23.39 1.39
C LEU A 709 15.17 -22.68 2.74
N GLU A 710 16.30 -22.23 3.26
CA GLU A 710 16.35 -21.52 4.53
C GLU A 710 15.56 -20.22 4.50
N ALA A 711 15.69 -19.49 3.40
CA ALA A 711 14.98 -18.22 3.23
C ALA A 711 13.45 -18.41 3.02
N LEU A 712 13.05 -19.48 2.34
CA LEU A 712 11.61 -19.82 2.22
C LEU A 712 11.02 -20.54 3.45
N SER A 713 11.85 -21.01 4.37
CA SER A 713 11.41 -21.75 5.56
C SER A 713 11.44 -20.91 6.82
N HIS A 714 10.65 -21.34 7.79
CA HIS A 714 10.63 -20.80 9.16
C HIS A 714 10.46 -19.29 9.24
N LEU A 715 9.29 -18.84 8.80
CA LEU A 715 8.92 -17.44 8.84
C LEU A 715 7.49 -17.32 9.31
N GLN A 716 7.16 -16.17 9.90
N GLN A 716 7.17 -16.16 9.87
CA GLN A 716 5.80 -15.76 10.15
CA GLN A 716 5.79 -15.78 10.14
C GLN A 716 5.20 -15.32 8.81
C GLN A 716 5.19 -15.31 8.82
N SER A 717 3.94 -15.67 8.59
CA SER A 717 3.29 -15.39 7.32
C SER A 717 2.96 -13.92 7.20
N PRO A 718 3.25 -13.30 6.04
CA PRO A 718 2.80 -11.92 5.85
C PRO A 718 1.28 -11.76 5.87
N LEU A 719 0.54 -12.80 5.46
CA LEU A 719 -0.94 -12.76 5.42
C LEU A 719 -1.58 -12.78 6.80
N ASP A 720 -0.91 -13.43 7.74
CA ASP A 720 -1.34 -13.47 9.12
C ASP A 720 -0.07 -13.74 9.94
N PRO A 721 0.41 -12.71 10.66
CA PRO A 721 1.67 -12.88 11.42
C PRO A 721 1.60 -13.89 12.55
N SER A 722 0.39 -14.23 12.99
CA SER A 722 0.19 -15.37 13.90
C SER A 722 0.43 -16.78 13.30
N THR A 723 0.41 -16.90 11.97
CA THR A 723 0.64 -18.18 11.30
C THR A 723 2.13 -18.36 11.09
N LEU A 724 2.65 -19.48 11.57
CA LEU A 724 4.01 -19.89 11.31
C LEU A 724 4.05 -20.75 10.04
N LEU A 725 4.75 -20.26 9.01
CA LEU A 725 5.13 -21.05 7.86
C LEU A 725 6.45 -21.78 8.15
N ALA A 726 6.37 -22.96 8.74
CA ALA A 726 7.57 -23.69 9.18
C ALA A 726 8.30 -24.40 8.03
N GLU A 727 8.03 -25.68 7.81
CA GLU A 727 8.75 -26.46 6.82
C GLU A 727 8.06 -26.34 5.47
N VAL A 728 8.79 -25.95 4.43
CA VAL A 728 8.28 -26.00 3.06
C VAL A 728 8.17 -27.47 2.61
N CYS A 729 7.03 -27.80 1.99
CA CYS A 729 6.81 -29.13 1.40
C CYS A 729 7.09 -29.02 -0.09
N VAL A 730 8.37 -29.17 -0.44
CA VAL A 730 8.84 -28.88 -1.80
C VAL A 730 8.11 -29.72 -2.86
N GLU A 731 7.91 -31.00 -2.56
CA GLU A 731 7.14 -31.88 -3.46
C GLU A 731 5.70 -31.41 -3.68
N GLN A 732 5.07 -30.86 -2.64
CA GLN A 732 3.73 -30.29 -2.76
C GLN A 732 3.64 -28.93 -3.50
N CYS A 733 4.76 -28.21 -3.61
CA CYS A 733 4.80 -26.92 -4.32
C CYS A 733 4.71 -27.06 -5.83
N THR A 734 4.03 -26.11 -6.48
CA THR A 734 3.80 -26.14 -7.93
C THR A 734 3.41 -24.75 -8.46
N PHE A 735 2.96 -24.69 -9.72
CA PHE A 735 2.45 -23.45 -10.34
C PHE A 735 1.40 -23.76 -11.42
N MET A 736 0.85 -22.72 -12.05
CA MET A 736 0.00 -22.91 -13.26
C MET A 736 0.52 -22.15 -14.49
N ASP A 737 0.52 -22.81 -15.66
CA ASP A 737 0.82 -22.17 -16.94
C ASP A 737 -0.39 -21.34 -17.36
N SER A 738 -0.46 -20.14 -16.80
CA SER A 738 -1.55 -19.19 -17.06
C SER A 738 -0.89 -17.85 -17.32
N LYS A 739 -1.64 -16.77 -17.19
CA LYS A 739 -1.08 -15.42 -17.17
C LYS A 739 -0.34 -15.22 -15.84
N MET A 740 0.94 -14.86 -15.95
CA MET A 740 1.82 -14.50 -14.80
C MET A 740 2.45 -15.66 -14.00
N LYS A 741 2.10 -16.90 -14.33
CA LYS A 741 2.72 -18.10 -13.71
C LYS A 741 2.82 -17.99 -12.18
N PRO A 742 1.67 -17.88 -11.49
CA PRO A 742 1.71 -17.82 -10.03
C PRO A 742 2.20 -19.13 -9.42
N LEU A 743 2.93 -19.03 -8.31
CA LEU A 743 3.48 -20.16 -7.59
C LEU A 743 2.54 -20.54 -6.44
N TRP A 744 2.43 -21.84 -6.21
CA TRP A 744 1.65 -22.44 -5.14
C TRP A 744 2.66 -23.07 -4.18
N ILE A 745 2.80 -22.48 -2.98
CA ILE A 745 3.83 -22.88 -1.98
C ILE A 745 3.17 -23.47 -0.73
N MET A 746 3.44 -24.74 -0.45
CA MET A 746 2.87 -25.46 0.67
C MET A 746 3.82 -25.56 1.86
N TYR A 747 3.25 -25.56 3.07
CA TYR A 747 3.98 -25.64 4.31
C TYR A 747 3.33 -26.65 5.25
N SER A 748 4.12 -27.17 6.19
CA SER A 748 3.64 -28.02 7.29
C SER A 748 3.37 -27.22 8.58
N GLY A 756 -3.48 -28.02 10.09
CA GLY A 756 -2.19 -27.36 10.19
C GLY A 756 -1.24 -27.68 9.04
N SER A 757 -1.71 -27.43 7.82
CA SER A 757 -0.91 -27.55 6.61
C SER A 757 -1.22 -26.39 5.67
N VAL A 758 -0.74 -25.21 6.04
CA VAL A 758 -1.07 -23.96 5.36
C VAL A 758 -0.36 -23.86 4.02
N GLY A 759 -0.89 -23.02 3.14
CA GLY A 759 -0.26 -22.72 1.86
C GLY A 759 -0.42 -21.26 1.52
N ILE A 760 0.38 -20.80 0.55
CA ILE A 760 0.28 -19.45 0.03
C ILE A 760 0.46 -19.52 -1.47
N ILE A 761 -0.19 -18.57 -2.16
CA ILE A 761 0.07 -18.30 -3.58
C ILE A 761 0.91 -17.03 -3.69
N PHE A 762 1.99 -17.09 -4.48
CA PHE A 762 2.80 -15.94 -4.80
C PHE A 762 2.51 -15.58 -6.23
N LYS A 763 2.11 -14.40 -6.49
CA LYS A 763 1.82 -13.83 -7.79
C LYS A 763 2.78 -12.71 -8.10
N ASN A 764 3.27 -12.70 -9.25
CA ASN A 764 4.07 -11.58 -9.72
C ASN A 764 3.72 -11.30 -11.17
N GLY A 765 3.22 -10.10 -11.43
CA GLY A 765 2.86 -9.68 -12.79
C GLY A 765 1.63 -8.80 -12.80
N ASP A 766 0.68 -9.12 -11.91
CA ASP A 766 -0.54 -8.35 -11.72
C ASP A 766 -0.50 -7.52 -10.47
N ASP A 767 -1.28 -6.45 -10.51
CA ASP A 767 -1.58 -5.67 -9.33
C ASP A 767 -2.71 -6.42 -8.63
N LEU A 768 -2.54 -6.73 -7.34
CA LEU A 768 -3.54 -7.40 -6.50
C LEU A 768 -4.39 -6.44 -5.61
N ARG A 769 -4.15 -5.14 -5.70
CA ARG A 769 -4.78 -4.17 -4.79
C ARG A 769 -6.32 -4.15 -4.87
N GLN A 770 -6.85 -4.23 -6.08
CA GLN A 770 -8.29 -4.34 -6.29
C GLN A 770 -8.94 -5.58 -5.66
N ASP A 771 -8.27 -6.73 -5.76
CA ASP A 771 -8.71 -7.97 -5.12
C ASP A 771 -8.77 -7.82 -3.62
N MET A 772 -7.78 -7.14 -3.05
CA MET A 772 -7.69 -6.97 -1.61
C MET A 772 -8.79 -6.04 -1.15
N LEU A 773 -9.01 -4.97 -1.91
CA LEU A 773 -10.12 -4.05 -1.61
C LEU A 773 -11.41 -4.84 -1.60
N THR A 774 -11.65 -5.58 -2.66
CA THR A 774 -12.87 -6.39 -2.82
C THR A 774 -13.00 -7.32 -1.61
N LEU A 775 -11.95 -8.08 -1.35
CA LEU A 775 -11.96 -9.02 -0.22
C LEU A 775 -12.12 -8.36 1.15
N GLN A 776 -11.56 -7.17 1.31
CA GLN A 776 -11.70 -6.40 2.54
C GLN A 776 -13.15 -5.95 2.75
N MET A 777 -13.82 -5.55 1.66
CA MET A 777 -15.23 -5.19 1.68
C MET A 777 -16.17 -6.37 1.95
N ILE A 778 -15.83 -7.55 1.43
CA ILE A 778 -16.54 -8.79 1.77
C ILE A 778 -16.32 -9.11 3.25
N GLN A 779 -15.10 -8.90 3.75
CA GLN A 779 -14.81 -9.14 5.16
C GLN A 779 -15.63 -8.18 6.05
N LEU A 780 -15.68 -6.92 5.64
CA LEU A 780 -16.48 -5.91 6.32
C LEU A 780 -17.96 -6.26 6.27
N MET A 781 -18.44 -6.78 5.14
CA MET A 781 -19.80 -7.28 5.04
C MET A 781 -20.06 -8.36 6.05
N ASP A 782 -19.21 -9.40 6.03
CA ASP A 782 -19.29 -10.52 6.97
C ASP A 782 -19.42 -10.06 8.43
N VAL A 783 -18.60 -9.08 8.79
CA VAL A 783 -18.59 -8.53 10.15
C VAL A 783 -19.93 -7.86 10.46
N LEU A 784 -20.36 -6.98 9.56
CA LEU A 784 -21.64 -6.29 9.67
C LEU A 784 -22.80 -7.28 9.84
N TRP A 785 -22.82 -8.32 9.01
CA TRP A 785 -23.81 -9.36 9.15
C TRP A 785 -23.70 -10.11 10.47
N LYS A 786 -22.50 -10.58 10.78
CA LYS A 786 -22.20 -11.26 12.07
C LYS A 786 -22.54 -10.43 13.30
N GLN A 787 -22.46 -9.11 13.20
CA GLN A 787 -22.83 -8.21 14.31
C GLN A 787 -24.33 -8.19 14.65
N GLU A 788 -25.17 -8.60 13.71
CA GLU A 788 -26.62 -8.69 13.94
C GLU A 788 -27.15 -10.13 13.92
N GLY A 789 -26.31 -11.09 14.32
CA GLY A 789 -26.71 -12.51 14.46
C GLY A 789 -26.58 -13.42 13.23
N LEU A 790 -26.24 -12.84 12.08
CA LEU A 790 -26.19 -13.57 10.82
C LEU A 790 -24.76 -13.92 10.40
N ASP A 791 -24.46 -15.18 10.34
CA ASP A 791 -23.21 -15.72 9.85
C ASP A 791 -23.44 -16.34 8.48
N LEU A 792 -23.08 -15.79 7.43
CA LEU A 792 -23.26 -16.37 6.13
C LEU A 792 -22.07 -17.21 5.71
N ARG A 793 -21.22 -17.62 6.66
CA ARG A 793 -20.23 -18.68 6.41
C ARG A 793 -19.32 -18.33 5.24
N MET A 794 -18.85 -17.08 5.24
CA MET A 794 -18.03 -16.57 4.13
C MET A 794 -16.61 -17.13 4.26
N THR A 795 -15.82 -16.94 3.22
CA THR A 795 -14.40 -17.29 3.19
C THR A 795 -13.62 -16.08 2.65
N PRO A 796 -13.40 -15.09 3.54
CA PRO A 796 -12.65 -13.90 3.18
C PRO A 796 -11.15 -14.18 3.44
N TYR A 797 -10.57 -14.86 2.47
CA TYR A 797 -9.20 -15.34 2.52
C TYR A 797 -8.24 -14.15 2.40
N GLY A 798 -7.09 -14.26 3.06
CA GLY A 798 -6.07 -13.22 3.02
C GLY A 798 -5.58 -12.92 1.62
N CYS A 799 -5.34 -11.64 1.36
CA CYS A 799 -4.76 -11.15 0.10
C CYS A 799 -3.98 -9.90 0.42
N LEU A 800 -2.68 -9.90 0.08
CA LEU A 800 -1.75 -8.86 0.53
C LEU A 800 -0.77 -8.45 -0.55
N PRO A 801 -0.94 -7.25 -1.12
CA PRO A 801 0.13 -6.71 -1.96
C PRO A 801 1.40 -6.51 -1.14
N THR A 802 2.53 -6.94 -1.68
CA THR A 802 3.83 -6.86 -1.01
C THR A 802 4.83 -5.95 -1.70
N GLY A 803 4.71 -5.79 -3.02
CA GLY A 803 5.73 -5.10 -3.81
C GLY A 803 5.16 -4.63 -5.12
N ASP A 804 6.06 -4.27 -6.05
CA ASP A 804 5.73 -3.90 -7.43
C ASP A 804 5.06 -5.09 -8.16
N ARG A 805 3.77 -4.93 -8.48
CA ARG A 805 2.89 -5.96 -9.03
C ARG A 805 3.17 -7.33 -8.42
N THR A 806 3.18 -7.37 -7.09
CA THR A 806 3.52 -8.60 -6.34
C THR A 806 2.67 -8.68 -5.09
N GLY A 807 2.24 -9.89 -4.76
CA GLY A 807 1.53 -10.12 -3.53
C GLY A 807 1.30 -11.58 -3.25
N LEU A 808 0.69 -11.85 -2.10
CA LEU A 808 0.34 -13.19 -1.66
C LEU A 808 -1.17 -13.37 -1.50
N ILE A 809 -1.63 -14.61 -1.71
CA ILE A 809 -3.00 -15.03 -1.49
C ILE A 809 -2.96 -16.23 -0.55
N GLU A 810 -3.82 -16.24 0.45
CA GLU A 810 -3.97 -17.36 1.40
C GLU A 810 -4.71 -18.49 0.71
N VAL A 811 -4.07 -19.63 0.51
CA VAL A 811 -4.74 -20.75 -0.12
C VAL A 811 -5.85 -21.20 0.81
N VAL A 812 -6.99 -21.55 0.21
CA VAL A 812 -8.10 -22.21 0.93
C VAL A 812 -8.02 -23.70 0.60
N LEU A 813 -7.78 -24.50 1.63
CA LEU A 813 -7.64 -25.97 1.46
C LEU A 813 -8.97 -26.68 1.40
N ARG A 814 -8.90 -27.95 0.99
CA ARG A 814 -10.07 -28.82 0.90
C ARG A 814 -11.15 -28.04 0.14
N SER A 815 -10.80 -27.63 -1.06
CA SER A 815 -11.72 -26.93 -1.96
C SER A 815 -11.36 -27.20 -3.43
N ASP A 816 -12.30 -26.89 -4.32
CA ASP A 816 -12.08 -27.00 -5.77
C ASP A 816 -13.00 -26.04 -6.51
N THR A 817 -12.62 -25.74 -7.75
CA THR A 817 -13.40 -24.88 -8.64
C THR A 817 -14.59 -25.67 -9.17
N ILE A 818 -15.73 -24.98 -9.32
CA ILE A 818 -16.97 -25.61 -9.82
C ILE A 818 -16.76 -26.34 -11.14
N ALA A 819 -15.96 -25.76 -12.03
CA ALA A 819 -15.61 -26.41 -13.30
C ALA A 819 -15.02 -27.80 -13.08
N ASN A 820 -13.99 -27.87 -12.23
CA ASN A 820 -13.29 -29.13 -11.95
C ASN A 820 -14.20 -30.19 -11.31
N ILE A 821 -15.10 -29.78 -10.42
CA ILE A 821 -16.08 -30.70 -9.81
C ILE A 821 -17.10 -31.21 -10.82
N GLN A 822 -17.45 -30.36 -11.78
CA GLN A 822 -18.39 -30.70 -12.85
C GLN A 822 -17.70 -31.44 -14.01
N LEU A 823 -17.28 -32.69 -13.74
CA LEU A 823 -16.60 -33.55 -14.73
C LEU A 823 -16.87 -35.03 -14.46
N ASN A 835 -27.38 -35.75 -16.30
CA ASN A 835 -28.07 -34.96 -15.27
C ASN A 835 -27.14 -33.95 -14.59
N LYS A 836 -25.85 -34.32 -14.49
CA LYS A 836 -24.81 -33.50 -13.88
C LYS A 836 -25.24 -33.07 -12.49
N ASP A 837 -25.57 -34.06 -11.67
CA ASP A 837 -25.88 -33.87 -10.26
C ASP A 837 -24.55 -33.90 -9.47
N ALA A 838 -23.52 -33.29 -10.04
CA ALA A 838 -22.14 -33.47 -9.62
C ALA A 838 -21.85 -32.72 -8.33
N LEU A 839 -22.34 -31.50 -8.24
CA LEU A 839 -22.20 -30.69 -7.03
C LEU A 839 -22.73 -31.42 -5.80
N LEU A 840 -23.96 -31.94 -5.89
CA LEU A 840 -24.56 -32.66 -4.77
C LEU A 840 -23.86 -34.01 -4.48
N ASN A 841 -23.41 -34.68 -5.54
CA ASN A 841 -22.62 -35.91 -5.40
C ASN A 841 -21.25 -35.66 -4.76
N TRP A 842 -20.58 -34.61 -5.22
CA TRP A 842 -19.31 -34.20 -4.64
C TRP A 842 -19.51 -33.91 -3.16
N LEU A 843 -20.53 -33.11 -2.85
CA LEU A 843 -20.92 -32.86 -1.46
C LEU A 843 -21.21 -34.13 -0.69
N LYS A 844 -21.98 -35.02 -1.31
CA LYS A 844 -22.29 -36.32 -0.70
C LYS A 844 -21.02 -37.11 -0.39
N SER A 845 -20.12 -37.20 -1.36
CA SER A 845 -18.82 -37.88 -1.20
C SER A 845 -17.94 -37.28 -0.08
N LYS A 846 -18.03 -35.96 0.13
CA LYS A 846 -17.30 -35.24 1.20
C LYS A 846 -18.05 -35.07 2.54
N ASN A 847 -19.38 -35.21 2.49
CA ASN A 847 -20.24 -35.18 3.69
C ASN A 847 -21.23 -36.35 3.66
N PRO A 848 -20.71 -37.57 3.82
CA PRO A 848 -21.58 -38.76 3.73
C PRO A 848 -22.54 -38.89 4.92
N GLY A 849 -23.78 -39.32 4.64
CA GLY A 849 -24.76 -39.60 5.69
C GLY A 849 -25.27 -38.35 6.37
N GLU A 850 -25.07 -38.27 7.69
CA GLU A 850 -25.65 -37.20 8.52
C GLU A 850 -25.00 -35.82 8.33
N ALA A 851 -23.81 -35.80 7.74
CA ALA A 851 -23.10 -34.54 7.46
C ALA A 851 -23.67 -33.71 6.31
N LEU A 852 -24.52 -34.28 5.47
CA LEU A 852 -24.95 -33.63 4.22
C LEU A 852 -25.85 -32.42 4.44
N ASP A 853 -26.77 -32.52 5.39
CA ASP A 853 -27.67 -31.40 5.72
C ASP A 853 -26.91 -30.15 6.20
N ARG A 854 -25.79 -30.37 6.90
CA ARG A 854 -24.86 -29.31 7.25
C ARG A 854 -24.26 -28.70 6.00
N ALA A 855 -23.72 -29.56 5.13
CA ALA A 855 -23.06 -29.10 3.91
C ALA A 855 -23.92 -28.23 3.00
N ILE A 856 -25.18 -28.64 2.85
CA ILE A 856 -26.19 -27.93 2.07
C ILE A 856 -26.53 -26.58 2.71
N GLU A 857 -26.69 -26.59 4.03
CA GLU A 857 -26.92 -25.36 4.80
C GLU A 857 -25.72 -24.38 4.68
N GLU A 858 -24.49 -24.92 4.74
CA GLU A 858 -23.26 -24.14 4.50
C GLU A 858 -23.24 -23.55 3.10
N PHE A 859 -23.69 -24.34 2.12
CA PHE A 859 -23.81 -23.87 0.73
C PHE A 859 -24.85 -22.77 0.58
N THR A 860 -25.97 -22.95 1.25
CA THR A 860 -27.08 -21.99 1.19
C THR A 860 -26.71 -20.67 1.80
N LEU A 861 -26.23 -20.71 3.04
CA LEU A 861 -25.80 -19.51 3.75
C LEU A 861 -24.71 -18.74 2.98
N SER A 862 -23.73 -19.46 2.46
CA SER A 862 -22.62 -18.84 1.73
C SER A 862 -23.01 -18.37 0.34
N CYS A 863 -23.87 -19.12 -0.36
CA CYS A 863 -24.34 -18.69 -1.67
C CYS A 863 -25.13 -17.38 -1.56
N ALA A 864 -25.95 -17.27 -0.51
CA ALA A 864 -26.69 -16.05 -0.21
C ALA A 864 -25.74 -14.88 -0.03
N GLY A 865 -24.79 -15.03 0.89
CA GLY A 865 -23.78 -14.00 1.17
C GLY A 865 -23.03 -13.54 -0.05
N TYR A 866 -22.57 -14.48 -0.86
CA TYR A 866 -21.79 -14.11 -2.05
C TYR A 866 -22.68 -13.62 -3.21
N CYS A 867 -23.94 -14.06 -3.27
CA CYS A 867 -24.88 -13.50 -4.25
C CYS A 867 -25.13 -12.01 -3.98
N VAL A 868 -25.30 -11.64 -2.71
CA VAL A 868 -25.53 -10.25 -2.33
C VAL A 868 -24.25 -9.41 -2.51
N ALA A 869 -23.14 -9.89 -1.94
CA ALA A 869 -21.85 -9.20 -2.03
C ALA A 869 -21.55 -8.83 -3.45
N THR A 870 -21.55 -9.84 -4.33
CA THR A 870 -21.22 -9.63 -5.75
C THR A 870 -22.21 -8.72 -6.49
N TYR A 871 -23.47 -8.77 -6.08
CA TYR A 871 -24.49 -7.86 -6.62
C TYR A 871 -24.18 -6.39 -6.22
N VAL A 872 -24.01 -6.17 -4.92
CA VAL A 872 -23.74 -4.84 -4.36
C VAL A 872 -22.44 -4.17 -4.89
N LEU A 873 -21.34 -4.91 -4.92
CA LEU A 873 -20.06 -4.41 -5.43
C LEU A 873 -19.95 -4.42 -6.95
N GLY A 874 -20.91 -5.04 -7.64
CA GLY A 874 -20.94 -4.97 -9.10
C GLY A 874 -19.87 -5.86 -9.75
N ILE A 875 -19.70 -7.04 -9.17
CA ILE A 875 -18.66 -7.95 -9.59
C ILE A 875 -19.27 -8.87 -10.64
N GLY A 876 -18.86 -8.70 -11.89
CA GLY A 876 -19.27 -9.60 -13.00
C GLY A 876 -18.17 -10.60 -13.32
N ASP A 877 -18.22 -11.15 -14.53
CA ASP A 877 -17.25 -12.15 -15.00
C ASP A 877 -17.28 -13.40 -14.10
N ARG A 878 -18.43 -13.72 -13.52
CA ARG A 878 -18.54 -14.79 -12.52
C ARG A 878 -18.85 -16.09 -13.25
N HIS A 879 -17.93 -17.04 -13.16
CA HIS A 879 -18.03 -18.29 -13.92
C HIS A 879 -17.47 -19.46 -13.10
N SER A 880 -17.62 -20.65 -13.66
CA SER A 880 -17.20 -21.90 -13.01
C SER A 880 -15.72 -21.97 -12.57
N ASP A 881 -14.82 -21.37 -13.34
CA ASP A 881 -13.39 -21.28 -12.97
C ASP A 881 -13.10 -20.39 -11.75
N ASN A 882 -13.80 -19.26 -11.63
CA ASN A 882 -13.54 -18.29 -10.54
C ASN A 882 -14.52 -18.34 -9.36
N ILE A 883 -15.24 -19.46 -9.25
CA ILE A 883 -16.08 -19.75 -8.09
C ILE A 883 -15.73 -21.15 -7.60
N MET A 884 -15.50 -21.25 -6.29
CA MET A 884 -15.04 -22.47 -5.65
C MET A 884 -15.98 -22.89 -4.54
N ILE A 885 -15.92 -24.18 -4.18
CA ILE A 885 -16.67 -24.73 -3.05
C ILE A 885 -15.70 -25.53 -2.19
N ARG A 886 -15.94 -25.49 -0.89
CA ARG A 886 -15.13 -26.18 0.10
C ARG A 886 -15.82 -27.50 0.48
N GLU A 887 -15.04 -28.46 0.97
CA GLU A 887 -15.57 -29.76 1.40
C GLU A 887 -16.62 -29.63 2.52
N SER A 888 -16.51 -28.62 3.37
CA SER A 888 -17.57 -28.30 4.33
C SER A 888 -18.94 -27.95 3.70
N GLY A 889 -18.95 -27.64 2.39
CA GLY A 889 -20.12 -27.14 1.70
C GLY A 889 -20.11 -25.63 1.37
N GLN A 890 -19.20 -24.88 1.99
CA GLN A 890 -19.16 -23.42 1.78
C GLN A 890 -18.74 -23.08 0.35
N LEU A 891 -19.45 -22.12 -0.23
CA LEU A 891 -19.15 -21.58 -1.53
C LEU A 891 -18.40 -20.28 -1.33
N PHE A 892 -17.47 -20.00 -2.23
CA PHE A 892 -16.78 -18.71 -2.19
C PHE A 892 -16.23 -18.38 -3.55
N HIS A 893 -16.02 -17.08 -3.76
CA HIS A 893 -15.55 -16.52 -5.01
C HIS A 893 -14.07 -16.15 -4.90
N ILE A 894 -13.39 -16.20 -6.04
CA ILE A 894 -11.99 -15.79 -6.19
C ILE A 894 -11.74 -14.89 -7.39
N ASP A 895 -10.58 -14.24 -7.39
CA ASP A 895 -10.07 -13.54 -8.56
C ASP A 895 -11.07 -12.46 -8.99
N PHE A 896 -11.19 -11.45 -8.15
CA PHE A 896 -12.10 -10.33 -8.38
C PHE A 896 -11.40 -9.25 -9.20
N GLY A 897 -11.25 -9.54 -10.48
CA GLY A 897 -10.57 -8.62 -11.40
C GLY A 897 -11.36 -7.38 -11.74
N HIS A 898 -12.69 -7.46 -11.62
CA HIS A 898 -13.58 -6.40 -12.07
C HIS A 898 -14.73 -6.18 -11.10
N PHE A 899 -15.08 -4.92 -10.89
CA PHE A 899 -16.19 -4.53 -10.02
C PHE A 899 -16.81 -3.19 -10.41
N LEU A 900 -17.83 -2.76 -9.69
CA LEU A 900 -18.56 -1.50 -9.99
C LEU A 900 -19.07 -1.37 -11.43
N GLY A 901 -19.52 -2.50 -11.98
CA GLY A 901 -20.08 -2.56 -13.34
C GLY A 901 -19.13 -2.97 -14.46
N ASN A 902 -17.83 -2.84 -14.22
CA ASN A 902 -16.80 -3.12 -15.22
C ASN A 902 -16.62 -4.62 -15.45
N GLU A 912 -21.92 -0.87 -17.01
CA GLU A 912 -23.29 -1.42 -17.01
C GLU A 912 -23.65 -2.00 -15.64
N ARG A 913 -24.94 -1.96 -15.28
CA ARG A 913 -25.41 -2.54 -14.02
C ARG A 913 -25.35 -4.07 -14.12
N VAL A 914 -24.61 -4.67 -13.20
CA VAL A 914 -24.56 -6.12 -13.08
C VAL A 914 -25.87 -6.51 -12.37
N PRO A 915 -26.69 -7.39 -12.99
CA PRO A 915 -27.89 -7.82 -12.29
C PRO A 915 -27.55 -8.76 -11.13
N PHE A 916 -28.48 -8.90 -10.18
CA PHE A 916 -28.43 -9.99 -9.19
C PHE A 916 -28.58 -11.31 -9.97
N ILE A 917 -27.75 -12.29 -9.62
CA ILE A 917 -27.58 -13.52 -10.38
C ILE A 917 -27.87 -14.71 -9.49
N LEU A 918 -28.78 -15.56 -9.98
CA LEU A 918 -29.06 -16.86 -9.39
C LEU A 918 -28.76 -17.94 -10.41
N THR A 919 -28.01 -18.95 -9.98
CA THR A 919 -27.52 -20.02 -10.84
C THR A 919 -28.34 -21.28 -10.58
N TYR A 920 -28.89 -21.87 -11.64
CA TYR A 920 -29.74 -23.06 -11.52
C TYR A 920 -29.07 -24.12 -10.66
N ASP A 921 -27.82 -24.44 -10.98
CA ASP A 921 -27.08 -25.49 -10.26
C ASP A 921 -26.98 -25.24 -8.76
N PHE A 922 -26.90 -23.97 -8.35
CA PHE A 922 -26.87 -23.60 -6.93
C PHE A 922 -28.25 -23.73 -6.30
N VAL A 923 -29.28 -23.30 -7.02
CA VAL A 923 -30.68 -23.41 -6.54
C VAL A 923 -31.04 -24.89 -6.33
N HIS A 924 -30.58 -25.75 -7.24
CA HIS A 924 -30.79 -27.19 -7.17
C HIS A 924 -30.23 -27.77 -5.87
N VAL A 925 -28.98 -27.39 -5.57
CA VAL A 925 -28.29 -27.84 -4.36
C VAL A 925 -28.96 -27.29 -3.11
N ILE A 926 -29.30 -26.00 -3.13
CA ILE A 926 -30.08 -25.37 -2.07
C ILE A 926 -31.37 -26.17 -1.78
N GLN A 927 -32.11 -26.51 -2.83
CA GLN A 927 -33.40 -27.23 -2.69
C GLN A 927 -33.29 -28.75 -2.38
N GLN A 928 -32.07 -29.22 -2.13
CA GLN A 928 -31.76 -30.60 -1.75
C GLN A 928 -32.03 -31.55 -2.91
N GLY A 929 -31.64 -31.14 -4.11
CA GLY A 929 -31.80 -31.89 -5.34
C GLY A 929 -33.22 -32.08 -5.87
N LYS A 930 -34.17 -31.29 -5.38
CA LYS A 930 -35.61 -31.43 -5.73
C LYS A 930 -36.07 -30.31 -6.66
N THR A 931 -37.07 -30.59 -7.51
CA THR A 931 -37.67 -29.58 -8.41
C THR A 931 -38.22 -28.40 -7.62
N ASN A 932 -39.02 -28.72 -6.61
CA ASN A 932 -39.62 -27.76 -5.70
C ASN A 932 -39.29 -28.09 -4.25
N ASN A 933 -38.74 -27.10 -3.56
CA ASN A 933 -38.58 -27.12 -2.12
C ASN A 933 -38.80 -25.69 -1.62
N SER A 934 -40.08 -25.40 -1.37
CA SER A 934 -40.55 -24.07 -1.03
C SER A 934 -40.02 -23.62 0.31
N GLU A 935 -40.01 -24.52 1.30
CA GLU A 935 -39.57 -24.20 2.65
C GLU A 935 -38.11 -23.73 2.66
N LYS A 936 -37.25 -24.51 1.99
CA LYS A 936 -35.83 -24.21 1.92
C LYS A 936 -35.54 -22.99 1.07
N PHE A 937 -36.14 -22.91 -0.11
CA PHE A 937 -35.87 -21.81 -1.03
C PHE A 937 -36.28 -20.45 -0.45
N GLU A 938 -37.39 -20.40 0.28
CA GLU A 938 -37.82 -19.17 0.97
C GLU A 938 -36.85 -18.76 2.08
N ARG A 939 -36.27 -19.76 2.74
CA ARG A 939 -35.24 -19.56 3.76
C ARG A 939 -34.00 -18.89 3.14
N PHE A 940 -33.60 -19.38 1.98
CA PHE A 940 -32.50 -18.83 1.19
C PHE A 940 -32.76 -17.40 0.72
N ARG A 941 -33.96 -17.17 0.20
CA ARG A 941 -34.40 -15.84 -0.20
C ARG A 941 -34.35 -14.88 0.98
N GLY A 942 -34.80 -15.31 2.16
CA GLY A 942 -34.75 -14.46 3.37
C GLY A 942 -33.32 -14.09 3.76
N TYR A 943 -32.43 -15.07 3.70
CA TYR A 943 -31.00 -14.86 3.93
C TYR A 943 -30.47 -13.74 3.02
N CYS A 944 -30.69 -13.85 1.71
CA CYS A 944 -30.37 -12.77 0.77
C CYS A 944 -30.95 -11.43 1.15
N GLU A 945 -32.22 -11.40 1.52
CA GLU A 945 -32.90 -10.15 1.85
C GLU A 945 -32.42 -9.49 3.13
N ARG A 946 -32.18 -10.31 4.16
CA ARG A 946 -31.66 -9.84 5.46
C ARG A 946 -30.24 -9.29 5.28
N ALA A 947 -29.40 -10.06 4.59
CA ALA A 947 -28.06 -9.61 4.18
C ALA A 947 -28.03 -8.23 3.52
N TYR A 948 -28.90 -8.04 2.54
CA TYR A 948 -29.00 -6.80 1.76
C TYR A 948 -29.51 -5.63 2.62
N THR A 949 -30.40 -5.95 3.55
CA THR A 949 -31.03 -4.94 4.40
C THR A 949 -30.04 -4.34 5.35
N ILE A 950 -29.16 -5.20 5.88
CA ILE A 950 -28.07 -4.81 6.79
C ILE A 950 -27.02 -3.93 6.10
N LEU A 951 -26.67 -4.24 4.86
CA LEU A 951 -25.71 -3.42 4.14
C LEU A 951 -26.23 -2.00 3.86
N ARG A 952 -27.52 -1.90 3.54
CA ARG A 952 -28.19 -0.60 3.40
C ARG A 952 -28.11 0.25 4.65
N ARG A 953 -28.27 -0.38 5.81
CA ARG A 953 -28.16 0.35 7.09
C ARG A 953 -26.81 1.02 7.22
N HIS A 954 -25.75 0.37 6.70
CA HIS A 954 -24.37 0.86 6.77
C HIS A 954 -23.88 1.30 5.40
N GLY A 955 -24.77 1.83 4.57
CA GLY A 955 -24.42 2.21 3.21
C GLY A 955 -23.49 3.41 3.13
N LEU A 956 -23.69 4.39 4.00
CA LEU A 956 -22.84 5.57 4.06
C LEU A 956 -21.36 5.18 4.34
N LEU A 957 -21.15 4.16 5.17
CA LEU A 957 -19.83 3.63 5.46
C LEU A 957 -19.14 3.14 4.19
N PHE A 958 -19.85 2.37 3.37
CA PHE A 958 -19.29 1.90 2.10
C PHE A 958 -18.97 3.02 1.11
N LEU A 959 -19.86 3.99 0.98
CA LEU A 959 -19.63 5.16 0.12
C LEU A 959 -18.40 5.99 0.56
N HIS A 960 -18.28 6.20 1.87
CA HIS A 960 -17.18 6.97 2.42
C HIS A 960 -15.85 6.26 2.23
N LEU A 961 -15.79 4.98 2.60
CA LEU A 961 -14.61 4.15 2.38
C LEU A 961 -14.19 4.10 0.91
N PHE A 962 -15.16 3.98 0.01
CA PHE A 962 -14.90 3.99 -1.47
C PHE A 962 -14.44 5.36 -1.97
N ALA A 963 -14.98 6.43 -1.38
CA ALA A 963 -14.59 7.79 -1.71
C ALA A 963 -13.11 8.06 -1.38
N LEU A 964 -12.65 7.58 -0.23
CA LEU A 964 -11.23 7.67 0.15
C LEU A 964 -10.32 6.81 -0.77
N MET A 965 -10.82 5.68 -1.28
CA MET A 965 -10.06 4.85 -2.22
C MET A 965 -9.87 5.42 -3.61
N ARG A 966 -10.53 6.53 -3.93
CA ARG A 966 -10.22 7.26 -5.16
C ARG A 966 -8.75 7.68 -5.20
N ALA A 967 -8.20 7.96 -4.02
CA ALA A 967 -6.78 8.22 -3.81
C ALA A 967 -5.83 7.18 -4.44
N ALA A 968 -6.19 5.91 -4.32
CA ALA A 968 -5.40 4.80 -4.86
C ALA A 968 -5.18 4.74 -6.38
N GLY A 969 -5.95 5.51 -7.14
CA GLY A 969 -5.85 5.53 -8.61
C GLY A 969 -6.13 4.18 -9.27
N LEU A 970 -6.97 3.36 -8.65
CA LEU A 970 -7.41 2.12 -9.30
C LEU A 970 -8.19 2.47 -10.56
N PRO A 971 -7.92 1.79 -11.70
CA PRO A 971 -8.63 2.08 -12.96
C PRO A 971 -10.15 2.15 -12.81
N GLU A 972 -10.72 1.17 -12.10
CA GLU A 972 -12.18 1.04 -11.90
C GLU A 972 -12.78 1.79 -10.70
N LEU A 973 -12.01 2.68 -10.11
CA LEU A 973 -12.50 3.55 -9.03
C LEU A 973 -11.81 4.92 -9.18
N SER A 974 -12.20 5.61 -10.25
CA SER A 974 -11.64 6.91 -10.65
C SER A 974 -12.46 8.14 -10.24
N CYS A 975 -13.78 7.98 -10.14
CA CYS A 975 -14.69 9.14 -10.20
C CYS A 975 -16.00 8.90 -9.44
N SER A 976 -16.79 9.97 -9.35
CA SER A 976 -18.14 9.96 -8.73
C SER A 976 -19.12 8.93 -9.31
N LYS A 977 -18.97 8.62 -10.60
CA LYS A 977 -19.80 7.61 -11.28
C LYS A 977 -19.57 6.19 -10.72
N ASP A 978 -18.32 5.89 -10.35
CA ASP A 978 -17.99 4.62 -9.70
C ASP A 978 -18.59 4.53 -8.30
N ILE A 979 -18.58 5.65 -7.58
CA ILE A 979 -19.20 5.74 -6.24
C ILE A 979 -20.71 5.64 -6.36
N GLN A 980 -21.27 6.32 -7.36
CA GLN A 980 -22.70 6.32 -7.67
C GLN A 980 -23.26 4.89 -7.91
N TYR A 981 -22.42 4.00 -8.46
CA TYR A 981 -22.78 2.59 -8.63
C TYR A 981 -23.26 1.96 -7.32
N LEU A 982 -22.55 2.25 -6.24
CA LEU A 982 -22.91 1.71 -4.93
C LEU A 982 -24.15 2.33 -4.38
N LYS A 983 -24.35 3.63 -4.61
CA LYS A 983 -25.60 4.31 -4.20
C LYS A 983 -26.82 3.58 -4.78
N ASP A 984 -26.73 3.25 -6.07
CA ASP A 984 -27.82 2.60 -6.80
C ASP A 984 -28.01 1.14 -6.45
N SER A 985 -26.91 0.39 -6.35
CA SER A 985 -26.95 -1.03 -5.97
C SER A 985 -27.59 -1.24 -4.59
N LEU A 986 -27.29 -0.31 -3.67
CA LEU A 986 -27.85 -0.32 -2.33
C LEU A 986 -29.10 0.53 -2.20
N ALA A 987 -29.43 1.26 -3.26
CA ALA A 987 -30.69 2.01 -3.32
C ALA A 987 -30.85 2.91 -2.09
N LEU A 988 -29.90 3.82 -1.91
CA LEU A 988 -29.86 4.72 -0.74
C LEU A 988 -30.75 5.95 -0.85
N GLY A 989 -31.14 6.31 -2.07
CA GLY A 989 -32.14 7.38 -2.30
C GLY A 989 -33.57 6.86 -2.21
N LYS A 990 -33.71 5.55 -2.16
CA LYS A 990 -34.96 4.87 -1.91
C LYS A 990 -35.11 4.55 -0.42
N THR A 991 -36.36 4.42 0.03
CA THR A 991 -36.70 4.00 1.39
C THR A 991 -36.45 2.51 1.56
N GLU A 992 -36.46 2.06 2.80
CA GLU A 992 -36.14 0.66 3.11
C GLU A 992 -37.13 -0.31 2.50
N GLU A 993 -38.41 0.04 2.56
CA GLU A 993 -39.48 -0.78 1.98
C GLU A 993 -39.39 -0.79 0.45
N GLU A 994 -39.30 0.40 -0.15
CA GLU A 994 -39.14 0.56 -1.60
C GLU A 994 -37.96 -0.25 -2.14
N ALA A 995 -36.79 -0.10 -1.52
CA ALA A 995 -35.57 -0.83 -1.90
C ALA A 995 -35.74 -2.33 -1.90
N LEU A 996 -36.41 -2.82 -0.85
CA LEU A 996 -36.57 -4.25 -0.63
C LEU A 996 -37.54 -4.85 -1.63
N LYS A 997 -38.55 -4.06 -1.98
CA LYS A 997 -39.47 -4.40 -3.04
C LYS A 997 -38.80 -4.42 -4.41
N HIS A 998 -37.81 -3.55 -4.62
CA HIS A 998 -37.03 -3.59 -5.87
C HIS A 998 -36.06 -4.77 -5.88
N PHE A 999 -35.42 -5.04 -4.74
CA PHE A 999 -34.55 -6.22 -4.61
C PHE A 999 -35.29 -7.53 -4.90
N ARG A 1000 -36.50 -7.64 -4.35
CA ARG A 1000 -37.41 -8.76 -4.62
C ARG A 1000 -37.69 -8.98 -6.10
N VAL A 1001 -38.02 -7.90 -6.80
CA VAL A 1001 -38.25 -7.92 -8.26
C VAL A 1001 -37.00 -8.40 -9.01
N LYS A 1002 -35.85 -7.87 -8.61
CA LYS A 1002 -34.56 -8.30 -9.16
C LYS A 1002 -34.25 -9.77 -8.83
N PHE A 1003 -34.45 -10.15 -7.57
CA PHE A 1003 -34.38 -11.56 -7.12
C PHE A 1003 -35.20 -12.45 -8.04
N ASN A 1004 -36.50 -12.17 -8.11
CA ASN A 1004 -37.46 -12.96 -8.88
C ASN A 1004 -37.08 -13.09 -10.34
N GLU A 1005 -36.63 -11.97 -10.93
CA GLU A 1005 -36.23 -11.96 -12.33
C GLU A 1005 -34.95 -12.76 -12.57
N ALA A 1006 -34.04 -12.77 -11.59
CA ALA A 1006 -32.88 -13.67 -11.60
C ALA A 1006 -33.26 -15.17 -11.54
N LEU A 1007 -34.30 -15.48 -10.76
CA LEU A 1007 -34.83 -16.84 -10.70
C LEU A 1007 -35.43 -17.26 -12.04
N ARG A 1008 -36.19 -16.36 -12.66
CA ARG A 1008 -36.71 -16.59 -14.01
C ARG A 1008 -35.58 -16.76 -15.05
N GLU A 1009 -34.55 -15.93 -14.93
CA GLU A 1009 -33.39 -15.99 -15.83
C GLU A 1009 -32.55 -17.27 -15.63
N SER A 1010 -32.54 -17.77 -14.40
CA SER A 1010 -31.84 -19.01 -14.03
C SER A 1010 -32.06 -20.21 -14.97
N TRP A 1011 -33.31 -20.45 -15.39
CA TRP A 1011 -33.63 -21.55 -16.32
C TRP A 1011 -33.21 -21.22 -17.76
N LYS A 1012 -33.53 -20.00 -18.19
CA LYS A 1012 -33.09 -19.49 -19.50
C LYS A 1012 -31.58 -19.20 -19.47
N GLN B 2 -31.40 30.32 -35.40
CA GLN B 2 -31.04 31.21 -34.22
C GLN B 2 -30.05 30.54 -33.29
N GLN B 3 -30.41 29.33 -32.85
CA GLN B 3 -29.56 28.49 -32.04
C GLN B 3 -28.60 27.72 -32.96
N ASP B 4 -27.50 28.39 -33.30
CA ASP B 4 -26.43 27.84 -34.15
C ASP B 4 -25.35 27.25 -33.26
N GLN B 5 -24.98 25.99 -33.54
CA GLN B 5 -24.02 25.24 -32.72
C GLN B 5 -23.02 24.48 -33.59
N GLU B 9 -24.83 16.52 -40.91
CA GLU B 9 -25.57 15.40 -40.33
C GLU B 9 -26.38 14.60 -41.39
N ASP B 10 -26.02 13.33 -41.59
CA ASP B 10 -26.72 12.44 -42.54
C ASP B 10 -27.61 11.40 -41.81
N ASN B 11 -27.94 10.28 -42.46
CA ASN B 11 -28.74 9.20 -41.83
C ASN B 11 -28.08 8.52 -40.61
N ILE B 12 -28.90 7.80 -39.85
CA ILE B 12 -28.50 7.14 -38.60
C ILE B 12 -27.46 6.05 -38.80
N GLU B 13 -27.68 5.17 -39.77
CA GLU B 13 -26.75 4.07 -40.07
C GLU B 13 -25.34 4.57 -40.42
N ALA B 14 -25.28 5.67 -41.16
CA ALA B 14 -24.01 6.24 -41.60
C ALA B 14 -23.26 6.93 -40.45
N VAL B 15 -24.01 7.58 -39.55
CA VAL B 15 -23.45 8.14 -38.31
C VAL B 15 -23.04 7.01 -37.37
N GLY B 16 -23.86 5.97 -37.27
CA GLY B 16 -23.56 4.77 -36.50
C GLY B 16 -22.32 4.03 -36.99
N LYS B 17 -22.13 4.00 -38.29
CA LYS B 17 -20.97 3.37 -38.91
C LYS B 17 -19.70 4.11 -38.53
N LYS B 18 -19.76 5.43 -38.61
CA LYS B 18 -18.68 6.30 -38.16
C LYS B 18 -18.42 6.22 -36.66
N LEU B 19 -19.46 6.01 -35.86
CA LEU B 19 -19.29 5.73 -34.42
C LEU B 19 -18.51 4.43 -34.18
N HIS B 20 -18.79 3.37 -34.93
CA HIS B 20 -18.02 2.12 -34.80
C HIS B 20 -16.55 2.31 -35.16
N GLU B 21 -16.32 3.01 -36.26
CA GLU B 21 -14.98 3.34 -36.75
C GLU B 21 -14.18 4.18 -35.77
N TYR B 22 -14.71 5.33 -35.39
CA TYR B 22 -14.02 6.19 -34.42
C TYR B 22 -13.75 5.50 -33.06
N ASN B 23 -14.64 4.63 -32.62
CA ASN B 23 -14.47 3.92 -31.35
C ASN B 23 -13.36 2.87 -31.44
N THR B 24 -13.31 2.18 -32.56
CA THR B 24 -12.20 1.29 -32.85
C THR B 24 -10.88 2.04 -32.88
N GLN B 25 -10.86 3.18 -33.57
CA GLN B 25 -9.68 4.05 -33.59
C GLN B 25 -9.31 4.54 -32.18
N PHE B 26 -10.30 4.88 -31.36
CA PHE B 26 -10.03 5.30 -29.97
C PHE B 26 -9.42 4.20 -29.10
N GLN B 27 -9.92 2.97 -29.23
CA GLN B 27 -9.41 1.81 -28.50
C GLN B 27 -8.01 1.39 -28.95
N GLU B 28 -7.74 1.50 -30.24
CA GLU B 28 -6.43 1.22 -30.83
C GLU B 28 -5.39 2.27 -30.39
N LYS B 29 -5.76 3.54 -30.50
CA LYS B 29 -4.92 4.65 -30.02
C LYS B 29 -4.70 4.62 -28.50
N SER B 30 -5.72 4.21 -27.73
CA SER B 30 -5.59 4.05 -26.26
C SER B 30 -4.60 2.95 -25.86
N ARG B 31 -4.70 1.81 -26.51
CA ARG B 31 -3.76 0.69 -26.29
C ARG B 31 -2.32 1.06 -26.66
N GLU B 32 -2.15 1.89 -27.69
CA GLU B 32 -0.83 2.40 -28.06
C GLU B 32 -0.28 3.26 -26.93
N TYR B 33 -1.04 4.26 -26.52
CA TYR B 33 -0.68 5.08 -25.37
C TYR B 33 -0.40 4.24 -24.11
N ASP B 34 -1.19 3.19 -23.88
CA ASP B 34 -0.94 2.30 -22.75
C ASP B 34 0.41 1.59 -22.86
N ARG B 35 0.80 1.22 -24.09
CA ARG B 35 2.08 0.57 -24.34
C ARG B 35 3.22 1.50 -23.97
N LEU B 36 3.20 2.70 -24.53
CA LEU B 36 4.20 3.70 -24.24
C LEU B 36 4.26 4.03 -22.76
N TYR B 37 3.11 4.11 -22.10
CA TYR B 37 3.10 4.40 -20.66
C TYR B 37 3.75 3.29 -19.81
N GLU B 38 3.59 2.03 -20.23
CA GLU B 38 4.31 0.91 -19.60
C GLU B 38 5.82 1.04 -19.78
N ASP B 39 6.27 1.45 -20.97
CA ASP B 39 7.68 1.76 -21.23
C ASP B 39 8.19 2.95 -20.40
N TYR B 40 7.41 4.03 -20.38
CA TYR B 40 7.69 5.20 -19.56
C TYR B 40 7.95 4.84 -18.10
N THR B 41 7.11 3.97 -17.53
CA THR B 41 7.22 3.60 -16.11
C THR B 41 8.41 2.67 -15.88
N ARG B 42 8.57 1.69 -16.77
CA ARG B 42 9.65 0.72 -16.67
C ARG B 42 11.00 1.44 -16.77
N THR B 43 11.13 2.28 -17.79
CA THR B 43 12.34 3.04 -18.04
C THR B 43 12.64 3.98 -16.88
N SER B 44 11.60 4.58 -16.30
CA SER B 44 11.76 5.44 -15.15
C SER B 44 12.32 4.68 -13.96
N GLN B 45 11.88 3.43 -13.81
CA GLN B 45 12.32 2.57 -12.72
C GLN B 45 13.75 2.10 -12.94
N GLU B 46 14.07 1.78 -14.20
CA GLU B 46 15.41 1.35 -14.55
C GLU B 46 16.43 2.46 -14.36
N ILE B 47 16.06 3.66 -14.76
CA ILE B 47 16.92 4.85 -14.61
C ILE B 47 17.28 5.11 -13.16
N GLN B 48 16.32 5.07 -12.24
CA GLN B 48 16.67 5.25 -10.82
C GLN B 48 17.58 4.13 -10.31
N MET B 49 17.28 2.88 -10.71
CA MET B 49 18.14 1.73 -10.37
C MET B 49 19.60 1.97 -10.81
N LYS B 50 19.79 2.47 -12.03
CA LYS B 50 21.10 2.83 -12.56
C LYS B 50 21.74 3.99 -11.82
N ARG B 51 20.95 5.01 -11.49
CA ARG B 51 21.43 6.15 -10.71
C ARG B 51 21.90 5.71 -9.31
N THR B 52 21.12 4.86 -8.65
CA THR B 52 21.53 4.24 -7.38
C THR B 52 22.80 3.36 -7.53
N ALA B 53 22.90 2.62 -8.63
CA ALA B 53 24.09 1.83 -8.93
C ALA B 53 25.36 2.69 -9.16
N ILE B 54 25.19 3.88 -9.72
CA ILE B 54 26.27 4.85 -9.87
C ILE B 54 26.75 5.36 -8.51
N GLU B 55 25.82 5.78 -7.65
CA GLU B 55 26.16 6.05 -6.26
C GLU B 55 26.92 4.88 -5.60
N ALA B 56 26.53 3.65 -5.90
CA ALA B 56 27.19 2.46 -5.35
C ALA B 56 28.62 2.31 -5.85
N PHE B 57 28.87 2.65 -7.10
CA PHE B 57 30.22 2.76 -7.64
C PHE B 57 31.01 3.88 -6.98
N ASN B 58 30.38 5.05 -6.86
CA ASN B 58 31.00 6.20 -6.20
C ASN B 58 31.45 5.84 -4.79
N GLU B 59 30.56 5.16 -4.06
CA GLU B 59 30.83 4.78 -2.68
C GLU B 59 31.96 3.72 -2.59
N THR B 60 32.04 2.85 -3.58
CA THR B 60 33.00 1.76 -3.58
C THR B 60 34.38 2.31 -3.88
N ILE B 61 34.45 3.14 -4.92
CA ILE B 61 35.62 3.91 -5.26
C ILE B 61 36.12 4.76 -4.07
N LYS B 62 35.21 5.42 -3.35
CA LYS B 62 35.60 6.21 -2.18
C LYS B 62 36.42 5.39 -1.17
N ILE B 63 35.92 4.20 -0.84
CA ILE B 63 36.59 3.36 0.18
C ILE B 63 37.96 2.84 -0.30
N PHE B 64 38.08 2.58 -1.60
CA PHE B 64 39.33 2.24 -2.21
C PHE B 64 40.34 3.39 -2.07
N GLU B 65 39.88 4.61 -2.31
CA GLU B 65 40.76 5.78 -2.19
C GLU B 65 41.15 6.07 -0.73
N GLU B 66 40.27 5.72 0.23
CA GLU B 66 40.65 5.67 1.65
C GLU B 66 41.73 4.63 1.88
N GLN B 67 41.56 3.44 1.31
CA GLN B 67 42.61 2.42 1.37
C GLN B 67 43.96 2.91 0.83
N CYS B 68 43.93 3.61 -0.30
CA CYS B 68 45.11 4.22 -0.88
C CYS B 68 45.78 5.20 0.07
N GLN B 69 44.99 6.14 0.58
CA GLN B 69 45.45 7.10 1.61
C GLN B 69 46.02 6.37 2.83
N THR B 70 45.29 5.36 3.30
CA THR B 70 45.75 4.58 4.45
C THR B 70 47.06 3.88 4.14
N GLN B 71 47.16 3.28 2.96
CA GLN B 71 48.42 2.65 2.52
C GLN B 71 49.66 3.60 2.54
N GLU B 72 49.45 4.87 2.21
CA GLU B 72 50.54 5.84 2.12
C GLU B 72 51.00 6.28 3.52
N ARG B 73 50.09 6.85 4.29
CA ARG B 73 50.38 7.21 5.68
C ARG B 73 50.98 6.03 6.45
N TYR B 74 50.31 4.89 6.41
CA TYR B 74 50.69 3.73 7.21
C TYR B 74 52.02 3.09 6.81
N SER B 75 52.22 2.87 5.51
CA SER B 75 53.43 2.22 5.00
C SER B 75 54.66 3.04 5.36
N LYS B 76 54.58 4.34 5.10
CA LYS B 76 55.69 5.30 5.35
C LYS B 76 56.69 4.77 6.39
N GLU B 77 56.18 4.52 7.59
CA GLU B 77 56.99 4.04 8.72
C GLU B 77 57.71 2.73 8.38
N TYR B 78 56.96 1.68 8.03
CA TYR B 78 57.59 0.34 7.76
C TYR B 78 58.55 0.29 6.57
N ILE B 79 58.34 1.16 5.57
CA ILE B 79 59.25 1.25 4.44
C ILE B 79 60.61 1.72 4.96
N GLU B 80 60.61 2.82 5.71
CA GLU B 80 61.83 3.34 6.35
C GLU B 80 62.55 2.25 7.17
N LYS B 81 61.79 1.51 7.97
CA LYS B 81 62.41 0.47 8.82
C LYS B 81 63.26 -0.55 8.06
N PHE B 82 62.64 -1.36 7.22
CA PHE B 82 63.43 -2.36 6.47
C PHE B 82 64.33 -1.81 5.34
N LYS B 83 64.57 -0.50 5.34
CA LYS B 83 65.52 0.10 4.42
C LYS B 83 66.84 0.05 5.16
N ARG B 84 66.82 0.56 6.39
CA ARG B 84 67.97 0.47 7.31
C ARG B 84 68.11 -0.95 7.93
N GLU B 85 67.83 -1.95 7.11
CA GLU B 85 67.87 -3.36 7.47
C GLU B 85 67.97 -4.25 6.20
N GLY B 86 68.38 -3.65 5.07
CA GLY B 86 68.47 -4.31 3.75
C GLY B 86 67.36 -5.27 3.43
N ASN B 87 66.15 -4.91 3.88
CA ASN B 87 64.97 -5.74 3.76
C ASN B 87 64.13 -5.06 2.67
N GLU B 88 64.78 -4.91 1.52
CA GLU B 88 64.17 -4.37 0.34
C GLU B 88 63.24 -5.41 -0.29
N THR B 89 63.35 -6.65 0.18
CA THR B 89 62.36 -7.70 -0.05
C THR B 89 60.94 -7.23 0.29
N GLU B 90 60.77 -6.79 1.54
CA GLU B 90 59.48 -6.45 2.07
C GLU B 90 58.95 -5.14 1.48
N ILE B 91 59.83 -4.14 1.32
CA ILE B 91 59.48 -2.91 0.62
C ILE B 91 58.89 -3.23 -0.76
N GLN B 92 59.53 -4.13 -1.49
CA GLN B 92 59.09 -4.51 -2.83
C GLN B 92 57.70 -5.13 -2.80
N ARG B 93 57.45 -5.98 -1.81
CA ARG B 93 56.12 -6.63 -1.66
C ARG B 93 55.00 -5.62 -1.38
N ILE B 94 55.28 -4.69 -0.47
CA ILE B 94 54.34 -3.63 -0.09
C ILE B 94 54.00 -2.76 -1.27
N MET B 95 55.01 -2.38 -2.02
CA MET B 95 54.79 -1.51 -3.18
C MET B 95 54.07 -2.23 -4.29
N HIS B 96 54.47 -3.47 -4.57
CA HIS B 96 53.79 -4.28 -5.57
C HIS B 96 52.32 -4.53 -5.21
N ASN B 97 52.07 -4.85 -3.93
CA ASN B 97 50.70 -5.00 -3.42
C ASN B 97 49.89 -3.72 -3.58
N TYR B 98 50.52 -2.57 -3.36
CA TYR B 98 49.88 -1.27 -3.54
C TYR B 98 49.61 -1.00 -5.01
N GLU B 99 50.54 -1.38 -5.88
CA GLU B 99 50.32 -1.25 -7.32
C GLU B 99 49.18 -2.13 -7.84
N LYS B 100 48.94 -3.27 -7.18
CA LYS B 100 47.74 -4.10 -7.47
C LYS B 100 46.44 -3.41 -7.04
N LEU B 101 46.45 -2.79 -5.87
CA LEU B 101 45.31 -2.00 -5.37
C LEU B 101 44.93 -0.89 -6.35
N LYS B 102 45.89 -0.04 -6.72
CA LYS B 102 45.64 1.01 -7.74
C LYS B 102 45.04 0.47 -9.03
N SER B 103 45.51 -0.71 -9.45
CA SER B 103 45.09 -1.32 -10.72
C SER B 103 43.62 -1.77 -10.73
N ARG B 104 43.21 -2.36 -9.61
CA ARG B 104 41.81 -2.73 -9.41
C ARG B 104 40.85 -1.51 -9.42
N ILE B 105 41.28 -0.37 -8.87
CA ILE B 105 40.52 0.89 -8.92
C ILE B 105 40.18 1.25 -10.37
N SER B 106 41.19 1.17 -11.24
CA SER B 106 41.02 1.48 -12.65
C SER B 106 39.97 0.61 -13.37
N GLU B 107 39.82 -0.64 -12.92
CA GLU B 107 38.78 -1.55 -13.41
C GLU B 107 37.39 -1.11 -12.94
N ILE B 108 37.29 -0.79 -11.66
CA ILE B 108 36.05 -0.28 -11.06
C ILE B 108 35.64 1.04 -11.72
N VAL B 109 36.59 1.96 -11.88
CA VAL B 109 36.35 3.25 -12.56
C VAL B 109 35.84 3.06 -13.97
N ASP B 110 36.46 2.14 -14.70
CA ASP B 110 36.03 1.82 -16.06
C ASP B 110 34.59 1.30 -16.09
N SER B 111 34.25 0.43 -15.13
CA SER B 111 32.89 -0.12 -15.04
C SER B 111 31.86 0.97 -14.77
N ARG B 112 32.14 1.83 -13.80
CA ARG B 112 31.31 3.01 -13.54
C ARG B 112 31.10 3.82 -14.80
N ARG B 113 32.15 4.02 -15.58
CA ARG B 113 32.06 4.80 -16.81
C ARG B 113 31.10 4.15 -17.80
N ARG B 114 31.22 2.85 -18.02
CA ARG B 114 30.35 2.08 -18.93
C ARG B 114 28.86 2.22 -18.61
N LEU B 115 28.54 2.20 -17.31
CA LEU B 115 27.17 2.41 -16.82
C LEU B 115 26.70 3.84 -17.00
N GLU B 116 27.55 4.84 -16.75
CA GLU B 116 27.21 6.24 -17.01
C GLU B 116 26.76 6.47 -18.46
N GLU B 117 27.47 5.80 -19.37
CA GLU B 117 27.17 5.81 -20.79
C GLU B 117 25.83 5.15 -21.11
N ASP B 118 25.51 4.05 -20.43
CA ASP B 118 24.22 3.37 -20.59
C ASP B 118 23.06 4.24 -20.08
N LEU B 119 23.23 4.82 -18.90
CA LEU B 119 22.24 5.73 -18.32
C LEU B 119 22.02 6.99 -19.16
N LYS B 120 23.05 7.41 -19.90
CA LYS B 120 22.93 8.53 -20.83
C LYS B 120 22.03 8.14 -22.01
N LYS B 121 22.26 6.94 -22.55
CA LYS B 121 21.46 6.42 -23.65
C LYS B 121 20.01 6.18 -23.25
N GLN B 122 19.82 5.59 -22.09
CA GLN B 122 18.48 5.37 -21.54
C GLN B 122 17.76 6.65 -21.12
N ALA B 123 18.52 7.67 -20.73
CA ALA B 123 17.94 9.00 -20.48
C ALA B 123 17.37 9.60 -21.77
N ALA B 124 18.07 9.37 -22.89
CA ALA B 124 17.60 9.78 -24.21
C ALA B 124 16.33 9.06 -24.62
N GLU B 125 16.26 7.77 -24.27
CA GLU B 125 15.08 6.95 -24.55
C GLU B 125 13.88 7.45 -23.78
N TYR B 126 14.04 7.68 -22.48
CA TYR B 126 13.01 8.28 -21.62
C TYR B 126 12.40 9.50 -22.29
N ARG B 127 13.24 10.43 -22.75
CA ARG B 127 12.77 11.65 -23.39
C ARG B 127 12.07 11.40 -24.72
N GLU B 128 12.54 10.42 -25.48
CA GLU B 128 11.87 10.01 -26.71
C GLU B 128 10.48 9.37 -26.46
N ILE B 129 10.39 8.51 -25.45
CA ILE B 129 9.13 7.90 -24.99
C ILE B 129 8.14 9.05 -24.64
N ASP B 130 8.58 9.95 -23.77
CA ASP B 130 7.82 11.15 -23.39
C ASP B 130 7.42 12.07 -24.56
N LYS B 131 8.26 12.13 -25.59
CA LYS B 131 7.93 12.86 -26.82
C LYS B 131 6.79 12.18 -27.57
N ARG B 132 6.93 10.87 -27.79
CA ARG B 132 5.95 10.12 -28.58
C ARG B 132 4.58 10.11 -27.92
N MET B 133 4.56 9.94 -26.61
CA MET B 133 3.36 10.07 -25.80
C MET B 133 2.65 11.38 -26.11
N ASN B 134 3.42 12.47 -26.09
CA ASN B 134 2.86 13.80 -26.31
C ASN B 134 2.41 14.12 -27.73
N SER B 135 2.85 13.32 -28.70
CA SER B 135 2.31 13.41 -30.07
C SER B 135 1.09 12.48 -30.29
N ILE B 136 0.90 11.52 -29.37
CA ILE B 136 -0.26 10.59 -29.37
C ILE B 136 -1.48 11.14 -28.59
N LYS B 137 -1.22 11.92 -27.54
CA LYS B 137 -2.26 12.52 -26.71
C LYS B 137 -3.34 13.35 -27.43
N PRO B 138 -2.95 14.19 -28.41
CA PRO B 138 -3.99 14.96 -29.12
C PRO B 138 -4.92 14.09 -29.99
N ASP B 139 -4.36 13.10 -30.68
CA ASP B 139 -5.14 12.10 -31.41
C ASP B 139 -6.10 11.38 -30.48
N LEU B 140 -5.59 11.02 -29.31
CA LEU B 140 -6.32 10.27 -28.29
C LEU B 140 -7.49 11.04 -27.73
N ILE B 141 -7.26 12.29 -27.35
CA ILE B 141 -8.30 13.16 -26.79
C ILE B 141 -9.32 13.53 -27.88
N GLN B 142 -8.84 13.84 -29.10
CA GLN B 142 -9.74 14.19 -30.20
C GLN B 142 -10.67 13.02 -30.54
N LEU B 143 -10.10 11.84 -30.70
CA LEU B 143 -10.87 10.62 -30.92
C LEU B 143 -11.87 10.28 -29.80
N ARG B 144 -11.52 10.53 -28.54
CA ARG B 144 -12.48 10.39 -27.44
C ARG B 144 -13.66 11.35 -27.58
N LYS B 145 -13.36 12.61 -27.92
CA LYS B 145 -14.38 13.63 -28.03
C LYS B 145 -15.32 13.37 -29.19
N THR B 146 -14.75 13.00 -30.33
CA THR B 146 -15.52 12.69 -31.53
C THR B 146 -16.47 11.48 -31.28
N ARG B 147 -15.91 10.43 -30.71
CA ARG B 147 -16.67 9.26 -30.31
C ARG B 147 -17.87 9.69 -29.46
N ASP B 148 -17.61 10.45 -28.39
CA ASP B 148 -18.68 10.98 -27.52
C ASP B 148 -19.72 11.88 -28.22
N GLN B 149 -19.30 12.72 -29.16
CA GLN B 149 -20.23 13.55 -29.94
C GLN B 149 -21.18 12.72 -30.82
N TYR B 150 -20.66 11.65 -31.39
CA TYR B 150 -21.45 10.75 -32.23
C TYR B 150 -22.53 10.00 -31.40
N LEU B 151 -22.15 9.50 -30.23
CA LEU B 151 -23.09 8.91 -29.28
C LEU B 151 -24.23 9.84 -28.89
N MET B 152 -23.86 11.06 -28.51
CA MET B 152 -24.79 12.10 -28.11
C MET B 152 -25.79 12.40 -29.21
N TRP B 153 -25.29 12.59 -30.43
CA TRP B 153 -26.15 12.77 -31.60
C TRP B 153 -27.15 11.63 -31.80
N LEU B 154 -26.65 10.40 -31.73
CA LEU B 154 -27.51 9.21 -31.88
C LEU B 154 -28.51 9.08 -30.71
N THR B 155 -28.05 9.32 -29.49
CA THR B 155 -28.92 9.29 -28.31
C THR B 155 -30.07 10.31 -28.41
N GLN B 156 -29.76 11.51 -28.84
CA GLN B 156 -30.78 12.53 -29.12
C GLN B 156 -31.75 12.10 -30.21
N LYS B 157 -31.23 11.41 -31.22
CA LYS B 157 -32.05 10.90 -32.30
C LYS B 157 -32.98 9.73 -31.90
N GLY B 158 -32.83 9.22 -30.68
CA GLY B 158 -33.67 8.19 -30.10
C GLY B 158 -33.22 6.79 -30.43
N VAL B 159 -31.95 6.65 -30.78
CA VAL B 159 -31.39 5.37 -31.14
C VAL B 159 -31.20 4.53 -29.89
N ARG B 160 -31.58 3.27 -30.01
CA ARG B 160 -31.72 2.34 -28.90
C ARG B 160 -30.35 1.93 -28.41
N GLN B 161 -30.27 1.69 -27.11
CA GLN B 161 -29.02 1.30 -26.44
C GLN B 161 -28.38 0.03 -27.00
N LYS B 162 -29.19 -0.95 -27.39
CA LYS B 162 -28.70 -2.18 -28.01
C LYS B 162 -27.99 -1.93 -29.35
N LYS B 163 -28.48 -0.98 -30.13
CA LYS B 163 -27.88 -0.62 -31.40
C LYS B 163 -26.56 0.12 -31.16
N LEU B 164 -26.55 0.97 -30.14
CA LEU B 164 -25.35 1.70 -29.73
C LEU B 164 -24.29 0.75 -29.17
N ASN B 165 -24.71 -0.20 -28.35
CA ASN B 165 -23.81 -1.24 -27.85
C ASN B 165 -23.07 -2.00 -28.97
N GLU B 166 -23.80 -2.54 -29.95
CA GLU B 166 -23.15 -3.29 -31.06
C GLU B 166 -22.18 -2.45 -31.91
N TRP B 167 -22.40 -1.14 -31.99
CA TRP B 167 -21.47 -0.22 -32.65
C TRP B 167 -20.21 0.03 -31.82
N LEU B 168 -20.36 0.14 -30.50
CA LEU B 168 -19.22 0.32 -29.59
C LEU B 168 -18.44 -0.98 -29.33
N GLY B 169 -19.14 -2.06 -29.02
CA GLY B 169 -18.55 -3.38 -28.78
C GLY B 169 -18.28 -4.16 -30.05
#